data_7SYZ
#
_entry.id   7SYZ
#
_cell.length_a   165.757
_cell.length_b   165.757
_cell.length_c   202.066
_cell.angle_alpha   90.000
_cell.angle_beta   90.000
_cell.angle_gamma   120.000
#
_symmetry.space_group_name_H-M   'P 61 2 2'
#
loop_
_entity.id
_entity.type
_entity.pdbx_description
1 polymer 'Attachment glycoprotein'
2 polymer 'Antibody hAH1.3 Heavy Chain'
3 polymer 'Antibody hAH1.3 light chain'
4 branched alpha-D-mannopyranose-(1-6)-beta-D-mannopyranose-(1-4)-2-acetamido-2-deoxy-beta-D-glucopyranose-(1-4)-2-acetamido-2-deoxy-beta-D-glucopyranose
5 branched beta-D-mannopyranose-(1-4)-2-acetamido-2-deoxy-beta-D-glucopyranose-(1-4)-2-acetamido-2-deoxy-beta-D-glucopyranose
6 branched beta-D-mannopyranose-(1-4)-2-acetamido-2-deoxy-beta-D-glucopyranose-(1-4)-[alpha-L-fucopyranose-(1-3)][alpha-L-fucopyranose-(1-6)]2-acetamido-2-deoxy-beta-D-glucopyranose
7 branched alpha-D-mannopyranose-(1-6)-beta-D-mannopyranose-(1-4)-2-acetamido-2-deoxy-beta-D-glucopyranose-(1-4)-[alpha-L-fucopyranose-(1-3)][alpha-L-fucopyranose-(1-6)]2-acetamido-2-deoxy-beta-D-glucopyranose
8 branched 2-acetamido-2-deoxy-beta-D-glucopyranose-(1-4)-[alpha-L-fucopyranose-(1-6)]2-acetamido-2-deoxy-beta-D-glucopyranose
9 non-polymer 'SULFATE ION'
10 water water
#
loop_
_entity_poly.entity_id
_entity_poly.type
_entity_poly.pdbx_seq_one_letter_code
_entity_poly.pdbx_strand_id
1 'polypeptide(L)'
;MMADSKLVSLNNNLSGKIKDQGKVIKNYYGTMDIKKINDGLLDSKILGAFNTVIALLGSIIIIVMNIMIIQNYTRTTDNQ
ALIKESLQSVQQQIKALTDKIGTEIGPKVSLIDTSSTITIPANIGLLGSKISQSTSSINENVNDKCKFTLPPLKIHECNI
SCPNPLPFREYRPISQGVSDLVGLPNQICLQKTTSTILKPRLISYTLPINTREGVCITDPLLAVDNGFFAYSHLEKIGSC
TRGIAKQRIIGVGEVLDRGDKVPSMFMTNVWTPPNPSTIHHCSSTYHEDFYYTLCAVSHVGDPILNSTSWTESLSLIRLA
VRPKSDSGDYNQKYIAITKVERGKYDKVMPYGPSGIKQGDTLYFPAVGFLPRTEFQYNDSNCPIIHCKYSKAENCRLSMG
VNSKSHYILRSGLLKYNLSLGGDIILQFIEIADNRLTIGSPSKIYNSLGQPVFYQASYSWDTMIKLGDVDTVDPLRVQWR
NNSVISRPGQSQCPRFNVCPEVCWEGTYNDAFLIDRLNWVSAGVYLNSNQTAENPVFAVFKDNEILYQVPLAEDDTNAQK
TITDCFLLENVIWCISLVEIYDTGDSVIRPKLFAVKIPAQCSES
;
A
2 'polypeptide(L)'
;QIQLVQSGPELKKPGETVKISCTTSGYTFTNYGLNWVKQAPGKGFKWMAWINTYTGEPTYADDFKGRFAFSLETSASTTY
LQINNLKNEDMSTYFCARSGYYDGLKAMDYWGQGTSVTVSSAKTTPPSVYPLAPGSAAQTNSMVTLGCLVKGYFPEPVTV
TWNSGSLSSGVHTFPAVLQSDLYTLSSSVTVPSSTWPSETVTCNVAHPASSTKVDKKIVPRDC
;
H
3 'polypeptide(L)'
;DVLMIQTPLSLPVSLGDQASISCRSSQSLIHINGNTYLEWYLQKPGQSPKLLIYKVSNRFSGVPDRFSGSGSGTDFTLKI
SRVEAEDLGVYYCFQGSHVPFTFGAGTKLELKRADAAPTVSIFPPSSEQLTSGGASVVCFLNNFYPKDINVKWKIDGSER
QNGVLNSWTDQDSKDSTYSMSSTLTLTKDEYERHNSYTCEATHKTSTSPIVKSFNRNECVY
;
L
#
# COMPACT_ATOMS: atom_id res chain seq x y z
N GLN A 176 -29.99 -22.18 -27.43
CA GLN A 176 -29.97 -23.61 -27.73
C GLN A 176 -30.13 -24.44 -26.45
N GLY A 177 -29.11 -25.24 -26.13
CA GLY A 177 -29.05 -26.04 -24.92
C GLY A 177 -28.29 -25.35 -23.82
N VAL A 178 -27.64 -26.16 -22.97
CA VAL A 178 -26.78 -25.67 -21.89
C VAL A 178 -25.32 -25.78 -22.31
N SER A 179 -24.56 -24.71 -22.04
CA SER A 179 -23.15 -24.74 -22.36
C SER A 179 -22.38 -23.91 -21.35
N ASP A 180 -21.06 -23.88 -21.48
CA ASP A 180 -20.23 -23.15 -20.55
C ASP A 180 -20.39 -21.63 -20.73
N LEU A 181 -20.02 -20.90 -19.68
CA LEU A 181 -19.99 -19.44 -19.67
C LEU A 181 -18.82 -18.93 -20.51
N VAL A 182 -19.04 -18.86 -21.82
CA VAL A 182 -18.00 -18.50 -22.79
C VAL A 182 -18.66 -17.60 -23.85
N GLY A 183 -17.84 -16.73 -24.47
CA GLY A 183 -18.34 -15.82 -25.49
C GLY A 183 -18.91 -14.52 -24.95
N LEU A 184 -19.97 -14.02 -25.56
CA LEU A 184 -20.61 -12.80 -25.09
C LEU A 184 -22.00 -13.19 -24.60
N PRO A 185 -22.16 -13.47 -23.31
CA PRO A 185 -23.47 -13.77 -22.75
C PRO A 185 -24.41 -12.58 -22.88
N ASN A 186 -25.70 -12.88 -22.72
CA ASN A 186 -26.70 -11.82 -22.58
C ASN A 186 -26.32 -10.89 -21.44
N GLN A 187 -26.53 -9.60 -21.65
CA GLN A 187 -26.10 -8.60 -20.67
C GLN A 187 -26.82 -8.79 -19.34
N ILE A 188 -26.17 -8.32 -18.26
CA ILE A 188 -26.69 -8.47 -16.90
C ILE A 188 -26.60 -7.12 -16.18
N CYS A 189 -27.49 -6.96 -15.19
CA CYS A 189 -27.59 -5.73 -14.39
C CYS A 189 -26.30 -5.47 -13.62
N LEU A 190 -25.74 -4.28 -13.80
CA LEU A 190 -24.46 -3.90 -13.24
C LEU A 190 -24.57 -2.78 -12.21
N GLN A 191 -25.76 -2.53 -11.66
CA GLN A 191 -25.97 -1.44 -10.70
C GLN A 191 -26.42 -1.99 -9.35
N LYS A 192 -26.04 -1.32 -8.27
CA LYS A 192 -26.52 -1.74 -6.97
C LYS A 192 -28.03 -1.51 -6.85
N THR A 193 -28.73 -2.50 -6.32
CA THR A 193 -30.20 -2.43 -6.29
C THR A 193 -30.71 -3.28 -5.12
N THR A 194 -31.49 -2.67 -4.24
CA THR A 194 -32.08 -3.46 -3.17
C THR A 194 -33.49 -3.97 -3.51
N SER A 195 -33.95 -3.79 -4.76
CA SER A 195 -35.11 -4.53 -5.23
C SER A 195 -34.79 -6.02 -5.28
N THR A 196 -35.71 -6.87 -4.85
CA THR A 196 -35.49 -8.31 -4.97
C THR A 196 -35.75 -8.72 -6.41
N ILE A 197 -34.71 -8.63 -7.24
CA ILE A 197 -34.79 -8.99 -8.64
C ILE A 197 -34.19 -10.37 -8.93
N LEU A 198 -33.70 -11.07 -7.91
CA LEU A 198 -33.20 -12.43 -8.09
C LEU A 198 -34.31 -13.39 -7.68
N LYS A 199 -34.70 -14.26 -8.60
CA LYS A 199 -35.79 -15.19 -8.37
C LYS A 199 -35.23 -16.62 -8.24
N PRO A 200 -34.89 -17.06 -7.03
CA PRO A 200 -34.38 -18.42 -6.86
C PRO A 200 -35.46 -19.45 -7.17
N ARG A 201 -35.03 -20.58 -7.73
CA ARG A 201 -35.93 -21.67 -8.07
C ARG A 201 -35.30 -22.95 -7.54
N LEU A 202 -35.92 -23.56 -6.53
CA LEU A 202 -35.41 -24.80 -5.97
C LEU A 202 -35.56 -25.96 -6.97
N ILE A 203 -34.50 -26.78 -7.11
CA ILE A 203 -34.54 -27.85 -8.12
C ILE A 203 -34.17 -29.22 -7.56
N SER A 204 -34.31 -29.44 -6.25
CA SER A 204 -33.81 -30.69 -5.70
C SER A 204 -34.92 -31.63 -5.25
N TYR A 205 -35.80 -31.17 -4.34
CA TYR A 205 -36.83 -32.04 -3.73
C TYR A 205 -36.35 -33.49 -3.51
N VAL A 215 -29.59 -40.56 8.38
CA VAL A 215 -30.31 -39.37 8.84
C VAL A 215 -29.64 -38.08 8.29
N CYS A 216 -28.42 -38.20 7.72
CA CYS A 216 -27.61 -37.02 7.41
C CYS A 216 -26.88 -37.17 6.08
N ILE A 217 -26.97 -36.14 5.23
CA ILE A 217 -26.24 -36.09 3.95
C ILE A 217 -25.23 -34.95 4.02
N THR A 218 -23.93 -35.28 3.89
CA THR A 218 -22.85 -34.31 4.07
C THR A 218 -21.75 -34.57 3.02
N ASP A 219 -20.56 -33.95 3.22
CA ASP A 219 -19.38 -33.96 2.35
C ASP A 219 -19.76 -33.81 0.88
N PRO A 220 -20.54 -32.80 0.52
CA PRO A 220 -21.04 -32.71 -0.85
C PRO A 220 -19.96 -32.22 -1.81
N LEU A 221 -20.23 -32.48 -3.07
CA LEU A 221 -19.38 -32.08 -4.16
C LEU A 221 -20.34 -31.73 -5.27
N LEU A 222 -20.15 -30.57 -5.87
CA LEU A 222 -20.87 -30.23 -7.09
C LEU A 222 -19.88 -29.71 -8.11
N ALA A 223 -20.11 -30.04 -9.38
CA ALA A 223 -19.28 -29.53 -10.44
C ALA A 223 -20.13 -29.55 -11.69
N VAL A 224 -19.99 -28.53 -12.54
CA VAL A 224 -20.81 -28.34 -13.73
C VAL A 224 -19.91 -27.95 -14.89
N ASP A 225 -20.04 -28.66 -16.01
CA ASP A 225 -19.15 -28.47 -17.14
C ASP A 225 -19.84 -28.97 -18.40
N ASN A 226 -19.96 -28.11 -19.41
CA ASN A 226 -20.37 -28.50 -20.77
C ASN A 226 -21.73 -29.21 -20.79
N GLY A 227 -22.67 -28.68 -20.05
CA GLY A 227 -23.98 -29.30 -20.00
C GLY A 227 -24.05 -30.55 -19.16
N PHE A 228 -22.95 -30.94 -18.51
CA PHE A 228 -22.92 -32.12 -17.65
C PHE A 228 -22.59 -31.71 -16.23
N PHE A 229 -22.88 -32.61 -15.29
CA PHE A 229 -22.59 -32.33 -13.89
C PHE A 229 -22.04 -33.56 -13.20
N ALA A 230 -21.24 -33.31 -12.18
CA ALA A 230 -20.76 -34.30 -11.22
C ALA A 230 -21.25 -33.92 -9.85
N TYR A 231 -21.59 -34.92 -9.07
CA TYR A 231 -22.15 -34.69 -7.76
C TYR A 231 -21.65 -35.80 -6.84
N SER A 232 -21.35 -35.46 -5.60
CA SER A 232 -21.02 -36.53 -4.67
C SER A 232 -21.57 -36.16 -3.31
N HIS A 233 -21.81 -37.20 -2.49
CA HIS A 233 -22.11 -36.95 -1.09
C HIS A 233 -21.88 -38.21 -0.27
N LEU A 234 -21.96 -38.02 1.06
CA LEU A 234 -21.80 -39.09 2.03
C LEU A 234 -23.02 -39.08 2.94
N GLU A 235 -23.72 -40.21 2.99
CA GLU A 235 -24.89 -40.39 3.84
C GLU A 235 -24.46 -41.14 5.09
N LYS A 236 -24.60 -40.47 6.23
CA LYS A 236 -24.33 -40.97 7.57
C LYS A 236 -25.63 -41.17 8.33
N ILE A 237 -25.62 -42.11 9.28
CA ILE A 237 -26.78 -42.34 10.13
C ILE A 237 -26.52 -41.70 11.50
N GLY A 238 -27.54 -41.00 12.00
CA GLY A 238 -27.44 -40.34 13.29
C GLY A 238 -26.94 -38.92 13.17
N SER A 239 -25.66 -38.70 13.50
CA SER A 239 -25.11 -37.35 13.51
C SER A 239 -24.83 -36.85 12.08
N CYS A 240 -24.17 -35.68 12.03
CA CYS A 240 -23.33 -35.32 10.90
C CYS A 240 -21.87 -35.26 11.30
N THR A 241 -21.62 -35.05 12.60
CA THR A 241 -20.28 -34.94 13.18
C THR A 241 -19.67 -36.33 13.41
N ARG A 242 -20.32 -37.15 14.27
CA ARG A 242 -19.92 -38.53 14.53
C ARG A 242 -20.66 -39.48 13.58
N GLY A 243 -20.72 -40.75 13.91
CA GLY A 243 -21.78 -41.46 13.23
C GLY A 243 -21.27 -42.29 12.09
N ILE A 244 -21.87 -43.48 11.91
CA ILE A 244 -21.38 -44.41 10.91
C ILE A 244 -21.95 -43.99 9.55
N ALA A 245 -21.09 -44.09 8.51
CA ALA A 245 -21.48 -43.73 7.16
C ALA A 245 -22.14 -44.91 6.49
N LYS A 246 -23.38 -44.73 6.03
CA LYS A 246 -24.01 -45.85 5.36
C LYS A 246 -23.66 -45.89 3.87
N GLN A 247 -23.58 -44.73 3.19
CA GLN A 247 -23.33 -44.86 1.77
C GLN A 247 -22.64 -43.63 1.21
N ARG A 248 -21.57 -43.85 0.44
CA ARG A 248 -20.94 -42.81 -0.35
C ARG A 248 -21.41 -42.96 -1.78
N ILE A 249 -21.89 -41.88 -2.39
CA ILE A 249 -22.24 -41.94 -3.80
C ILE A 249 -21.49 -40.87 -4.57
N ILE A 250 -21.11 -41.20 -5.80
CA ILE A 250 -20.48 -40.28 -6.72
C ILE A 250 -21.19 -40.50 -8.05
N GLY A 251 -21.88 -39.46 -8.54
CA GLY A 251 -22.65 -39.57 -9.76
C GLY A 251 -22.30 -38.48 -10.77
N VAL A 252 -22.65 -38.74 -12.04
CA VAL A 252 -22.55 -37.76 -13.10
C VAL A 252 -23.86 -37.83 -13.86
N GLY A 253 -24.18 -36.73 -14.52
CA GLY A 253 -25.42 -36.65 -15.25
C GLY A 253 -25.46 -35.43 -16.16
N GLU A 254 -26.65 -35.15 -16.67
CA GLU A 254 -26.82 -34.05 -17.61
C GLU A 254 -27.57 -32.90 -16.98
N VAL A 255 -27.30 -31.69 -17.46
CA VAL A 255 -28.01 -30.50 -17.01
C VAL A 255 -28.79 -29.98 -18.20
N LEU A 256 -30.12 -30.08 -18.13
CA LEU A 256 -30.96 -29.71 -19.27
C LEU A 256 -32.15 -28.86 -18.84
N ASP A 257 -32.70 -28.12 -19.82
CA ASP A 257 -33.98 -27.46 -19.65
C ASP A 257 -35.02 -28.45 -19.15
N ARG A 258 -35.46 -28.27 -17.91
CA ARG A 258 -36.40 -29.20 -17.30
C ARG A 258 -37.83 -29.05 -17.82
N GLY A 259 -38.10 -28.02 -18.63
CA GLY A 259 -39.41 -27.87 -19.27
C GLY A 259 -39.95 -26.45 -19.29
N ASP A 260 -39.71 -25.70 -18.20
CA ASP A 260 -40.18 -24.33 -18.04
C ASP A 260 -39.06 -23.30 -18.25
N LYS A 261 -38.09 -23.62 -19.13
CA LYS A 261 -36.89 -22.79 -19.34
C LYS A 261 -36.13 -22.53 -18.01
N VAL A 262 -36.11 -23.54 -17.15
CA VAL A 262 -35.36 -23.53 -15.90
C VAL A 262 -34.46 -24.77 -15.90
N PRO A 263 -33.15 -24.64 -15.70
CA PRO A 263 -32.29 -25.82 -15.77
C PRO A 263 -32.27 -26.59 -14.47
N SER A 264 -32.22 -27.92 -14.59
CA SER A 264 -32.02 -28.80 -13.46
C SER A 264 -31.05 -29.90 -13.86
N MET A 265 -30.83 -30.84 -12.95
CA MET A 265 -29.78 -31.85 -13.10
C MET A 265 -30.36 -33.25 -13.07
N PHE A 266 -30.00 -34.04 -14.07
CA PHE A 266 -30.55 -35.37 -14.25
C PHE A 266 -29.42 -36.37 -14.21
N MET A 267 -29.39 -37.13 -13.11
CA MET A 267 -28.42 -38.21 -12.90
C MET A 267 -28.46 -39.24 -14.02
N THR A 268 -27.27 -39.68 -14.46
CA THR A 268 -27.21 -40.72 -15.47
C THR A 268 -26.27 -41.88 -15.15
N ASN A 269 -25.41 -41.75 -14.13
CA ASN A 269 -24.42 -42.79 -13.86
C ASN A 269 -23.94 -42.62 -12.43
N VAL A 270 -24.10 -43.64 -11.59
CA VAL A 270 -23.81 -43.53 -10.16
C VAL A 270 -22.89 -44.65 -9.70
N TRP A 271 -21.92 -44.33 -8.85
CA TRP A 271 -20.97 -45.30 -8.33
C TRP A 271 -20.99 -45.26 -6.81
N THR A 272 -20.84 -46.43 -6.21
CA THR A 272 -20.85 -46.56 -4.75
C THR A 272 -19.67 -47.43 -4.36
N PRO A 273 -18.75 -46.94 -3.53
CA PRO A 273 -17.70 -47.82 -3.03
C PRO A 273 -18.29 -48.83 -2.07
N PRO A 274 -17.66 -49.98 -1.90
CA PRO A 274 -18.18 -50.94 -0.90
C PRO A 274 -18.19 -50.36 0.50
N ASN A 275 -17.03 -49.88 0.97
CA ASN A 275 -16.79 -49.33 2.29
C ASN A 275 -16.92 -47.82 2.24
N PRO A 276 -18.03 -47.24 2.70
CA PRO A 276 -18.21 -45.80 2.57
C PRO A 276 -17.33 -44.99 3.53
N SER A 277 -16.59 -45.64 4.42
CA SER A 277 -15.73 -44.95 5.35
C SER A 277 -14.32 -44.74 4.84
N THR A 278 -13.98 -45.23 3.65
CA THR A 278 -12.61 -45.18 3.16
C THR A 278 -12.37 -44.13 2.10
N ILE A 279 -13.42 -43.47 1.62
CA ILE A 279 -13.33 -42.56 0.49
C ILE A 279 -13.48 -41.14 1.03
N HIS A 280 -12.54 -40.27 0.67
CA HIS A 280 -12.47 -38.94 1.27
C HIS A 280 -12.01 -37.89 0.26
N HIS A 281 -12.55 -36.67 0.42
CA HIS A 281 -12.01 -35.48 -0.23
C HIS A 281 -11.98 -35.61 -1.73
N CYS A 282 -13.07 -36.08 -2.29
CA CYS A 282 -13.10 -36.28 -3.73
C CYS A 282 -13.20 -34.93 -4.43
N SER A 283 -12.65 -34.87 -5.63
CA SER A 283 -12.89 -33.70 -6.45
C SER A 283 -13.00 -34.14 -7.90
N SER A 284 -13.88 -33.47 -8.63
CA SER A 284 -14.23 -33.90 -9.98
C SER A 284 -13.77 -32.88 -11.03
N THR A 285 -13.10 -33.35 -12.11
CA THR A 285 -12.87 -32.54 -13.30
C THR A 285 -13.33 -33.26 -14.57
N TYR A 286 -13.85 -32.49 -15.51
CA TYR A 286 -14.52 -33.04 -16.69
C TYR A 286 -13.54 -33.05 -17.87
N HIS A 287 -13.55 -34.12 -18.65
CA HIS A 287 -12.82 -34.11 -19.93
C HIS A 287 -13.62 -34.97 -20.91
N GLU A 288 -14.09 -34.33 -21.96
CA GLU A 288 -14.70 -34.99 -23.11
C GLU A 288 -15.80 -35.93 -22.62
N ASP A 289 -15.57 -37.25 -22.72
CA ASP A 289 -16.62 -38.23 -22.48
C ASP A 289 -16.79 -38.57 -20.99
N PHE A 290 -15.91 -38.15 -20.12
CA PHE A 290 -15.97 -38.60 -18.73
C PHE A 290 -15.88 -37.44 -17.74
N TYR A 291 -16.17 -37.83 -16.51
CA TYR A 291 -15.86 -37.06 -15.31
C TYR A 291 -14.85 -37.89 -14.51
N TYR A 292 -13.67 -37.35 -14.31
CA TYR A 292 -12.65 -38.00 -13.49
C TYR A 292 -12.75 -37.42 -12.07
N THR A 293 -12.91 -38.26 -11.06
CA THR A 293 -13.00 -37.82 -9.68
C THR A 293 -11.87 -38.43 -8.89
N LEU A 294 -11.00 -37.57 -8.37
CA LEU A 294 -9.82 -37.96 -7.60
C LEU A 294 -10.14 -37.97 -6.12
N CYS A 295 -9.85 -39.08 -5.45
CA CYS A 295 -10.22 -39.29 -4.05
C CYS A 295 -9.04 -39.80 -3.25
N ALA A 296 -9.12 -39.55 -1.95
CA ALA A 296 -8.19 -40.13 -1.01
C ALA A 296 -8.76 -41.40 -0.39
N VAL A 297 -7.91 -42.39 -0.19
CA VAL A 297 -8.34 -43.63 0.45
C VAL A 297 -7.72 -43.66 1.84
N SER A 298 -8.56 -43.78 2.85
CA SER A 298 -8.16 -43.67 4.25
C SER A 298 -8.79 -44.75 5.12
N HIS A 299 -7.99 -45.35 5.98
CA HIS A 299 -8.52 -46.23 7.03
C HIS A 299 -8.35 -45.65 8.42
N VAL A 300 -7.91 -44.40 8.53
CA VAL A 300 -7.72 -43.72 9.80
C VAL A 300 -8.68 -42.55 9.98
N GLY A 301 -9.63 -42.39 9.05
CA GLY A 301 -10.53 -41.26 9.12
C GLY A 301 -10.11 -40.17 8.17
N ASP A 302 -10.48 -38.94 8.50
CA ASP A 302 -10.14 -37.78 7.67
C ASP A 302 -8.64 -37.51 7.75
N PRO A 303 -7.91 -37.53 6.63
CA PRO A 303 -6.46 -37.30 6.73
C PRO A 303 -6.08 -35.95 7.32
N ILE A 304 -6.98 -34.95 7.31
CA ILE A 304 -6.64 -33.64 7.85
C ILE A 304 -6.43 -33.74 9.37
N LEU A 305 -7.22 -34.59 10.04
CA LEU A 305 -7.21 -34.73 11.49
C LEU A 305 -6.33 -35.89 11.96
N ASN A 306 -5.89 -36.73 11.06
CA ASN A 306 -5.04 -37.84 11.40
C ASN A 306 -3.82 -37.84 10.45
N SER A 307 -3.21 -36.65 10.29
CA SER A 307 -2.32 -36.44 9.15
C SER A 307 -1.05 -37.27 9.23
N THR A 308 -0.65 -37.68 10.43
CA THR A 308 0.61 -38.38 10.50
C THR A 308 0.42 -39.89 10.63
N SER A 309 -0.81 -40.34 10.83
CA SER A 309 -1.11 -41.76 10.75
C SER A 309 -1.71 -42.18 9.41
N TRP A 310 -1.92 -41.24 8.49
CA TRP A 310 -2.47 -41.53 7.17
C TRP A 310 -1.34 -41.81 6.19
N THR A 311 -1.36 -43.00 5.58
CA THR A 311 -0.44 -43.31 4.49
C THR A 311 -1.06 -42.80 3.19
N GLU A 312 -0.36 -41.91 2.51
CA GLU A 312 -0.93 -41.30 1.32
C GLU A 312 -1.23 -42.35 0.26
N SER A 313 -2.50 -42.49 -0.09
CA SER A 313 -2.91 -43.34 -1.21
C SER A 313 -4.12 -42.72 -1.89
N LEU A 314 -4.05 -42.54 -3.22
CA LEU A 314 -5.11 -41.83 -3.92
C LEU A 314 -5.73 -42.72 -5.02
N SER A 315 -6.93 -42.36 -5.46
CA SER A 315 -7.61 -43.12 -6.50
C SER A 315 -8.30 -42.17 -7.45
N LEU A 316 -8.54 -42.66 -8.65
CA LEU A 316 -9.42 -42.02 -9.61
C LEU A 316 -10.63 -42.91 -9.85
N ILE A 317 -11.81 -42.30 -9.93
CA ILE A 317 -12.99 -42.98 -10.46
C ILE A 317 -13.48 -42.20 -11.65
N ARG A 318 -13.59 -42.89 -12.77
CA ARG A 318 -13.91 -42.30 -14.05
C ARG A 318 -15.34 -42.71 -14.38
N LEU A 319 -16.21 -41.73 -14.61
CA LEU A 319 -17.60 -42.02 -14.94
C LEU A 319 -18.02 -41.37 -16.25
N ALA A 320 -18.59 -42.16 -17.15
CA ALA A 320 -19.07 -41.65 -18.42
C ALA A 320 -20.32 -40.81 -18.20
N VAL A 321 -20.41 -39.71 -18.91
CA VAL A 321 -21.61 -38.89 -18.74
C VAL A 321 -22.80 -39.52 -19.48
N ARG A 322 -22.54 -40.25 -20.54
CA ARG A 322 -23.57 -40.83 -21.42
C ARG A 322 -23.23 -42.32 -21.53
N PRO A 323 -23.50 -43.09 -20.46
CA PRO A 323 -23.13 -44.50 -20.45
C PRO A 323 -23.93 -45.30 -21.45
N LYS A 324 -23.37 -46.45 -21.84
CA LYS A 324 -24.09 -47.41 -22.66
C LYS A 324 -23.77 -48.81 -22.19
N SER A 325 -24.69 -49.73 -22.48
CA SER A 325 -24.69 -51.04 -21.87
C SER A 325 -23.48 -51.87 -22.32
N ASP A 326 -23.07 -52.79 -21.45
CA ASP A 326 -22.18 -53.89 -21.80
C ASP A 326 -20.92 -53.37 -22.44
N SER A 327 -20.50 -52.22 -21.96
CA SER A 327 -19.34 -51.52 -22.49
C SER A 327 -18.17 -51.59 -21.52
N GLY A 328 -18.01 -52.70 -20.82
CA GLY A 328 -16.80 -52.93 -20.05
C GLY A 328 -16.54 -51.81 -19.07
N ASP A 329 -15.34 -51.23 -19.15
CA ASP A 329 -14.94 -50.16 -18.24
C ASP A 329 -15.32 -48.76 -18.72
N TYR A 330 -16.13 -48.63 -19.77
CA TYR A 330 -16.47 -47.28 -20.21
C TYR A 330 -17.31 -46.55 -19.19
N ASN A 331 -18.38 -47.18 -18.74
CA ASN A 331 -19.29 -46.51 -17.82
C ASN A 331 -18.57 -46.19 -16.53
N GLN A 332 -17.93 -47.18 -15.91
CA GLN A 332 -17.25 -46.94 -14.65
C GLN A 332 -15.87 -47.57 -14.67
N LYS A 333 -14.87 -46.82 -14.23
CA LYS A 333 -13.53 -47.37 -14.16
C LYS A 333 -12.84 -46.87 -12.91
N TYR A 334 -12.14 -47.75 -12.20
CA TYR A 334 -11.44 -47.40 -10.97
C TYR A 334 -9.95 -47.65 -11.09
N ILE A 335 -9.14 -46.60 -10.86
CA ILE A 335 -7.69 -46.69 -11.01
C ILE A 335 -7.04 -46.30 -9.68
N ALA A 336 -6.09 -47.12 -9.21
CA ALA A 336 -5.31 -46.78 -8.03
C ALA A 336 -4.06 -46.04 -8.50
N ILE A 337 -3.81 -44.88 -7.93
CA ILE A 337 -2.66 -44.08 -8.35
C ILE A 337 -1.42 -44.65 -7.67
N THR A 338 -0.37 -44.88 -8.45
CA THR A 338 0.86 -45.44 -7.90
C THR A 338 2.03 -44.48 -7.93
N LYS A 339 2.07 -43.55 -8.87
CA LYS A 339 3.20 -42.64 -9.01
C LYS A 339 2.75 -41.22 -8.75
N VAL A 340 3.26 -40.63 -7.68
CA VAL A 340 2.98 -39.26 -7.27
C VAL A 340 4.31 -38.54 -7.08
N GLU A 341 4.47 -37.41 -7.75
CA GLU A 341 5.63 -36.56 -7.54
C GLU A 341 5.17 -35.38 -6.70
N ARG A 342 5.60 -35.35 -5.43
CA ARG A 342 5.13 -34.35 -4.49
C ARG A 342 6.07 -33.18 -4.31
N GLY A 343 7.11 -33.08 -5.13
CA GLY A 343 8.11 -32.06 -4.87
C GLY A 343 8.67 -32.28 -3.48
N LYS A 344 8.67 -31.21 -2.69
CA LYS A 344 9.24 -31.25 -1.37
C LYS A 344 8.24 -31.69 -0.34
N TYR A 345 7.15 -32.28 -0.74
CA TYR A 345 6.09 -32.50 0.22
C TYR A 345 6.05 -33.95 0.68
N ASP A 346 5.68 -34.12 1.93
CA ASP A 346 5.60 -35.45 2.52
C ASP A 346 4.43 -36.23 1.93
N LYS A 347 3.20 -35.70 2.06
CA LYS A 347 1.99 -36.27 1.46
C LYS A 347 1.20 -35.20 0.73
N VAL A 348 0.43 -35.61 -0.28
CA VAL A 348 -0.42 -34.69 -1.03
C VAL A 348 -1.80 -35.34 -1.17
N MET A 349 -2.81 -34.50 -1.39
CA MET A 349 -4.20 -34.98 -1.31
C MET A 349 -5.17 -34.03 -2.00
N PRO A 350 -6.14 -34.52 -2.78
CA PRO A 350 -7.12 -33.59 -3.37
C PRO A 350 -7.88 -32.83 -2.28
N TYR A 351 -8.12 -31.55 -2.54
CA TYR A 351 -8.72 -30.69 -1.52
C TYR A 351 -9.59 -29.63 -2.19
N GLY A 352 -10.85 -29.98 -2.42
CA GLY A 352 -11.75 -29.07 -3.10
C GLY A 352 -12.77 -29.78 -3.95
N PRO A 353 -13.78 -29.07 -4.40
CA PRO A 353 -14.86 -29.70 -5.16
C PRO A 353 -14.54 -30.01 -6.62
N SER A 354 -13.83 -29.15 -7.35
CA SER A 354 -13.75 -29.31 -8.79
C SER A 354 -12.47 -28.69 -9.34
N GLY A 355 -12.07 -29.14 -10.52
CA GLY A 355 -10.90 -28.62 -11.17
C GLY A 355 -11.10 -28.40 -12.67
N ILE A 356 -10.04 -28.22 -13.42
CA ILE A 356 -10.17 -27.81 -14.83
C ILE A 356 -9.37 -28.74 -15.72
N LYS A 357 -9.63 -28.61 -17.00
CA LYS A 357 -8.82 -29.23 -18.03
C LYS A 357 -8.11 -28.12 -18.79
N GLN A 358 -6.94 -28.42 -19.29
CA GLN A 358 -6.23 -27.60 -20.25
C GLN A 358 -5.65 -28.52 -21.33
N GLY A 359 -6.19 -28.44 -22.52
CA GLY A 359 -5.84 -29.44 -23.52
C GLY A 359 -6.34 -30.79 -23.04
N ASP A 360 -5.42 -31.72 -22.83
CA ASP A 360 -5.72 -33.04 -22.31
C ASP A 360 -5.11 -33.25 -20.93
N THR A 361 -4.72 -32.16 -20.25
CA THR A 361 -4.20 -32.22 -18.90
C THR A 361 -5.30 -31.81 -17.92
N LEU A 362 -5.41 -32.53 -16.82
CA LEU A 362 -6.37 -32.20 -15.77
C LEU A 362 -5.62 -31.63 -14.59
N TYR A 363 -6.20 -30.63 -13.95
CA TYR A 363 -5.66 -30.07 -12.72
C TYR A 363 -6.79 -30.08 -11.70
N PHE A 364 -6.58 -30.77 -10.58
CA PHE A 364 -7.45 -30.89 -9.41
C PHE A 364 -6.97 -29.99 -8.28
N PRO A 365 -7.87 -29.42 -7.48
CA PRO A 365 -7.44 -28.68 -6.29
C PRO A 365 -6.87 -29.64 -5.29
N ALA A 366 -5.78 -29.26 -4.64
CA ALA A 366 -5.03 -30.20 -3.85
C ALA A 366 -4.45 -29.48 -2.65
N VAL A 367 -3.75 -30.25 -1.84
CA VAL A 367 -3.06 -29.74 -0.68
C VAL A 367 -1.84 -30.61 -0.39
N GLY A 368 -0.77 -29.96 0.06
CA GLY A 368 0.46 -30.61 0.43
C GLY A 368 0.69 -30.49 1.93
N PHE A 369 1.10 -31.60 2.53
CA PHE A 369 1.49 -31.65 3.93
C PHE A 369 3.00 -31.49 4.00
N LEU A 370 3.47 -30.50 4.74
CA LEU A 370 4.91 -30.28 4.83
C LEU A 370 5.29 -30.26 6.30
N PRO A 371 6.34 -30.97 6.70
CA PRO A 371 6.79 -30.89 8.09
C PRO A 371 7.02 -29.44 8.51
N ARG A 372 6.50 -29.09 9.69
CA ARG A 372 6.63 -27.73 10.19
C ARG A 372 8.08 -27.30 10.34
N THR A 373 8.97 -28.26 10.53
CA THR A 373 10.38 -27.95 10.66
C THR A 373 11.00 -27.52 9.35
N GLU A 374 10.50 -28.03 8.22
CA GLU A 374 11.05 -27.69 6.91
C GLU A 374 10.37 -26.48 6.28
N PHE A 375 9.40 -25.88 6.97
CA PHE A 375 8.64 -24.76 6.44
C PHE A 375 9.48 -23.48 6.53
N GLN A 376 9.56 -22.73 5.42
CA GLN A 376 10.34 -21.50 5.34
C GLN A 376 9.41 -20.29 5.36
N TYR A 377 9.41 -19.54 6.44
CA TYR A 377 8.57 -18.36 6.53
C TYR A 377 9.29 -17.27 7.30
N ASN A 378 9.23 -16.05 6.80
CA ASN A 378 9.81 -14.89 7.47
C ASN A 378 8.66 -14.17 8.18
N ASP A 379 8.72 -14.14 9.52
CA ASP A 379 7.64 -13.49 10.26
C ASP A 379 7.53 -12.01 9.95
N SER A 380 8.58 -11.42 9.36
CA SER A 380 8.55 -10.04 8.93
C SER A 380 7.40 -9.78 7.97
N ASN A 381 6.97 -10.81 7.22
CA ASN A 381 5.93 -10.66 6.20
C ASN A 381 4.53 -10.92 6.72
N CYS A 382 4.37 -11.16 8.03
CA CYS A 382 3.03 -11.32 8.60
C CYS A 382 2.37 -9.97 8.82
N PRO A 383 1.26 -9.68 8.18
CA PRO A 383 0.71 -8.32 8.22
C PRO A 383 0.03 -7.99 9.55
N ILE A 384 0.83 -7.54 10.51
CA ILE A 384 0.38 -7.28 11.86
C ILE A 384 0.21 -5.78 12.12
N ILE A 385 0.13 -4.95 11.08
CA ILE A 385 0.53 -3.55 11.23
C ILE A 385 -0.36 -2.82 12.21
N HIS A 386 -1.66 -2.91 12.09
CA HIS A 386 -2.41 -2.07 13.01
C HIS A 386 -3.22 -2.92 13.97
N CYS A 387 -2.63 -4.03 14.39
CA CYS A 387 -3.31 -5.12 15.08
C CYS A 387 -2.78 -5.25 16.51
N LYS A 388 -3.59 -4.83 17.48
CA LYS A 388 -3.12 -4.67 18.85
C LYS A 388 -2.63 -5.98 19.43
N TYR A 389 -3.40 -7.05 19.27
CA TYR A 389 -3.05 -8.30 19.93
C TYR A 389 -2.52 -9.35 18.96
N SER A 390 -2.02 -8.94 17.81
CA SER A 390 -1.36 -9.86 16.91
C SER A 390 0.13 -9.89 17.16
N LYS A 391 0.73 -11.05 16.95
CA LYS A 391 2.18 -11.18 16.99
C LYS A 391 2.68 -11.80 15.70
N ALA A 392 3.86 -11.34 15.26
CA ALA A 392 4.38 -11.70 13.95
C ALA A 392 4.42 -13.21 13.72
N GLU A 393 4.42 -14.01 14.80
CA GLU A 393 4.46 -15.45 14.62
C GLU A 393 3.12 -16.01 14.15
N ASN A 394 2.04 -15.26 14.37
CA ASN A 394 0.69 -15.80 14.19
C ASN A 394 0.45 -16.35 12.78
N CYS A 395 1.12 -15.81 11.76
CA CYS A 395 0.98 -16.37 10.42
C CYS A 395 1.56 -17.77 10.37
N ARG A 396 2.83 -17.90 10.73
CA ARG A 396 3.46 -19.21 10.70
C ARG A 396 2.64 -20.22 11.48
N LEU A 397 2.28 -19.87 12.71
CA LEU A 397 1.60 -20.78 13.60
C LEU A 397 0.22 -21.18 13.09
N SER A 398 -0.38 -20.36 12.24
CA SER A 398 -1.70 -20.66 11.74
C SER A 398 -1.64 -21.33 10.35
N MET A 399 -0.48 -21.86 9.97
CA MET A 399 -0.39 -22.59 8.71
C MET A 399 -0.69 -24.07 8.90
N GLY A 400 -1.05 -24.47 10.11
CA GLY A 400 -1.50 -25.82 10.37
C GLY A 400 -2.76 -25.80 11.22
N VAL A 401 -3.28 -27.00 11.49
CA VAL A 401 -4.56 -27.09 12.17
C VAL A 401 -4.48 -26.54 13.58
N ASN A 402 -3.28 -26.45 14.15
CA ASN A 402 -3.01 -25.81 15.44
C ASN A 402 -1.54 -25.38 15.48
N SER A 403 -1.17 -24.69 16.56
CA SER A 403 0.15 -24.07 16.63
C SER A 403 1.27 -25.08 16.79
N LYS A 404 0.95 -26.30 17.19
CA LYS A 404 1.97 -27.31 17.42
C LYS A 404 1.72 -28.54 16.53
N SER A 405 1.04 -28.33 15.41
CA SER A 405 0.84 -29.40 14.44
C SER A 405 2.16 -29.84 13.83
N HIS A 406 2.30 -31.14 13.56
CA HIS A 406 3.53 -31.63 12.93
C HIS A 406 3.66 -31.11 11.50
N TYR A 407 2.53 -30.83 10.83
CA TYR A 407 2.47 -30.50 9.42
C TYR A 407 1.79 -29.15 9.21
N ILE A 408 2.25 -28.41 8.19
CA ILE A 408 1.50 -27.30 7.67
C ILE A 408 0.86 -27.73 6.37
N LEU A 409 -0.23 -27.06 6.00
CA LEU A 409 -0.96 -27.36 4.77
C LEU A 409 -0.80 -26.21 3.79
N ARG A 410 -0.32 -26.52 2.59
CA ARG A 410 -0.27 -25.55 1.51
C ARG A 410 -1.18 -26.03 0.38
N SER A 411 -2.07 -25.17 -0.07
CA SER A 411 -2.93 -25.51 -1.18
C SER A 411 -2.15 -25.58 -2.48
N GLY A 412 -2.80 -26.10 -3.50
CA GLY A 412 -2.13 -26.23 -4.79
C GLY A 412 -2.97 -27.02 -5.73
N LEU A 413 -2.32 -27.65 -6.68
CA LEU A 413 -2.98 -28.42 -7.72
C LEU A 413 -2.28 -29.76 -7.87
N LEU A 414 -3.04 -30.76 -8.31
CA LEU A 414 -2.51 -32.05 -8.73
C LEU A 414 -2.79 -32.18 -10.22
N LYS A 415 -1.73 -32.37 -11.00
CA LYS A 415 -1.78 -32.43 -12.45
C LYS A 415 -1.81 -33.89 -12.85
N TYR A 416 -2.69 -34.21 -13.77
CA TYR A 416 -2.74 -35.51 -14.41
C TYR A 416 -2.88 -35.35 -15.92
N ASN A 417 -1.79 -35.66 -16.66
CA ASN A 417 -1.68 -35.39 -18.11
C ASN A 417 -2.07 -36.68 -18.84
N LEU A 418 -3.18 -36.62 -19.58
CA LEU A 418 -3.78 -37.82 -20.16
C LEU A 418 -3.01 -38.32 -21.37
N SER A 419 -2.27 -37.45 -22.07
CA SER A 419 -1.51 -37.86 -23.25
C SER A 419 -0.31 -38.71 -22.91
N LEU A 420 -0.02 -38.89 -21.61
CA LEU A 420 1.17 -39.66 -21.23
C LEU A 420 0.96 -41.17 -21.34
N GLY A 421 -0.30 -41.63 -21.43
CA GLY A 421 -0.53 -43.07 -21.38
C GLY A 421 0.08 -43.67 -20.12
N GLY A 422 0.83 -44.76 -20.30
CA GLY A 422 1.45 -45.51 -19.21
C GLY A 422 0.49 -45.70 -18.06
N ASP A 423 1.02 -45.75 -16.86
CA ASP A 423 0.13 -45.53 -15.74
C ASP A 423 0.15 -44.06 -15.35
N ILE A 424 -0.92 -43.76 -14.62
CA ILE A 424 -1.24 -42.46 -14.06
C ILE A 424 -0.04 -41.94 -13.29
N ILE A 425 0.54 -40.81 -13.72
CA ILE A 425 1.57 -40.15 -12.92
C ILE A 425 1.05 -38.78 -12.46
N LEU A 426 0.79 -38.62 -11.15
CA LEU A 426 0.26 -37.37 -10.60
C LEU A 426 1.39 -36.45 -10.15
N GLN A 427 1.26 -35.15 -10.44
CA GLN A 427 2.29 -34.20 -10.03
C GLN A 427 1.66 -33.11 -9.17
N PHE A 428 2.38 -32.66 -8.14
CA PHE A 428 1.90 -31.58 -7.28
C PHE A 428 2.52 -30.25 -7.66
N ILE A 429 1.70 -29.21 -7.67
CA ILE A 429 2.09 -27.85 -7.98
C ILE A 429 1.71 -27.02 -6.76
N GLU A 430 2.68 -26.44 -6.07
CA GLU A 430 2.39 -25.62 -4.91
C GLU A 430 1.94 -24.22 -5.32
N ILE A 431 1.09 -23.62 -4.50
CA ILE A 431 0.61 -22.27 -4.76
C ILE A 431 1.61 -21.22 -4.30
N ALA A 432 1.65 -20.09 -5.02
CA ALA A 432 2.55 -18.99 -4.66
C ALA A 432 2.13 -18.42 -3.31
N ASP A 433 3.05 -17.70 -2.70
CA ASP A 433 2.87 -17.31 -1.30
C ASP A 433 2.29 -15.91 -1.14
N ASN A 434 1.81 -15.30 -2.21
CA ASN A 434 1.13 -14.01 -2.07
C ASN A 434 -0.21 -14.22 -1.42
N ARG A 435 -0.46 -13.46 -0.37
CA ARG A 435 -1.67 -13.61 0.45
C ARG A 435 -1.85 -15.05 0.92
N LEU A 436 -0.74 -15.68 1.27
CA LEU A 436 -0.74 -17.09 1.64
C LEU A 436 -1.50 -17.33 2.96
N THR A 437 -2.42 -18.27 2.93
CA THR A 437 -3.14 -18.74 4.11
C THR A 437 -3.06 -20.26 4.16
N ILE A 438 -3.61 -20.85 5.22
CA ILE A 438 -3.53 -22.28 5.41
C ILE A 438 -4.13 -23.02 4.23
N GLY A 439 -3.54 -24.16 3.91
CA GLY A 439 -4.14 -25.03 2.93
C GLY A 439 -5.59 -25.32 3.32
N SER A 440 -6.46 -25.23 2.33
CA SER A 440 -7.89 -25.30 2.57
C SER A 440 -8.57 -25.73 1.28
N PRO A 441 -9.85 -26.15 1.34
CA PRO A 441 -10.55 -26.54 0.11
C PRO A 441 -10.72 -25.37 -0.83
N SER A 442 -10.32 -25.57 -2.08
CA SER A 442 -10.32 -24.54 -3.09
C SER A 442 -10.90 -25.11 -4.36
N LYS A 443 -11.05 -24.25 -5.36
CA LYS A 443 -11.69 -24.67 -6.59
C LYS A 443 -11.13 -23.85 -7.73
N ILE A 444 -10.89 -24.50 -8.87
CA ILE A 444 -10.40 -23.82 -10.06
C ILE A 444 -11.41 -24.07 -11.18
N TYR A 445 -11.71 -23.02 -11.94
CA TYR A 445 -12.70 -23.13 -13.00
C TYR A 445 -12.32 -22.23 -14.17
N ASN A 446 -13.02 -22.43 -15.28
CA ASN A 446 -12.85 -21.60 -16.44
C ASN A 446 -14.08 -20.71 -16.57
N SER A 447 -13.85 -19.43 -16.85
CA SER A 447 -14.93 -18.50 -17.08
C SER A 447 -14.49 -17.51 -18.15
N LEU A 448 -15.33 -17.29 -19.14
CA LEU A 448 -15.02 -16.37 -20.22
C LEU A 448 -13.61 -16.55 -20.73
N GLY A 449 -13.21 -17.82 -20.86
CA GLY A 449 -11.97 -18.23 -21.48
C GLY A 449 -10.73 -18.13 -20.65
N GLN A 450 -10.86 -17.94 -19.34
CA GLN A 450 -9.68 -17.83 -18.49
C GLN A 450 -9.91 -18.58 -17.19
N PRO A 451 -8.83 -19.09 -16.56
CA PRO A 451 -8.98 -19.83 -15.30
C PRO A 451 -9.04 -18.89 -14.09
N VAL A 452 -10.01 -19.16 -13.22
CA VAL A 452 -10.24 -18.45 -11.97
C VAL A 452 -10.05 -19.46 -10.85
N PHE A 453 -9.70 -18.96 -9.67
CA PHE A 453 -9.41 -19.76 -8.50
C PHE A 453 -10.12 -19.18 -7.30
N TYR A 454 -10.60 -20.04 -6.42
CA TYR A 454 -11.18 -19.62 -5.15
C TYR A 454 -10.59 -20.49 -4.05
N GLN A 455 -10.12 -19.89 -2.97
CA GLN A 455 -9.62 -20.66 -1.82
C GLN A 455 -10.42 -20.33 -0.57
N ALA A 456 -10.87 -21.34 0.15
CA ALA A 456 -11.63 -21.08 1.35
C ALA A 456 -10.80 -20.34 2.37
N SER A 457 -11.45 -19.42 3.07
CA SER A 457 -10.83 -18.58 4.09
C SER A 457 -11.04 -19.21 5.47
N TYR A 458 -10.29 -20.27 5.73
CA TYR A 458 -10.06 -20.68 7.10
C TYR A 458 -8.98 -19.71 7.66
N SER A 459 -8.54 -19.92 8.90
CA SER A 459 -7.55 -19.03 9.52
C SER A 459 -8.04 -17.56 9.59
N TRP A 460 -7.10 -16.61 9.57
CA TRP A 460 -7.37 -15.23 9.96
C TRP A 460 -7.78 -14.31 8.81
N ASP A 461 -7.30 -14.53 7.59
CA ASP A 461 -7.71 -13.73 6.44
C ASP A 461 -9.14 -14.14 6.07
N THR A 462 -10.08 -13.61 6.82
CA THR A 462 -11.50 -13.95 6.73
C THR A 462 -12.22 -13.30 5.53
N MET A 463 -11.60 -12.38 4.81
CA MET A 463 -12.17 -11.86 3.59
C MET A 463 -11.95 -12.84 2.45
N ILE A 464 -12.86 -12.79 1.47
CA ILE A 464 -12.91 -13.83 0.45
C ILE A 464 -11.67 -13.80 -0.43
N LYS A 465 -11.11 -14.97 -0.70
CA LYS A 465 -9.93 -15.12 -1.52
C LYS A 465 -10.36 -15.76 -2.84
N LEU A 466 -10.33 -14.98 -3.91
CA LEU A 466 -10.57 -15.51 -5.25
C LEU A 466 -9.96 -14.58 -6.28
N GLY A 467 -9.71 -15.10 -7.48
CA GLY A 467 -9.23 -14.24 -8.54
C GLY A 467 -8.80 -15.01 -9.76
N ASP A 468 -8.47 -14.26 -10.81
CA ASP A 468 -7.92 -14.86 -12.01
C ASP A 468 -6.54 -15.45 -11.74
N VAL A 469 -6.16 -16.43 -12.56
CA VAL A 469 -4.91 -17.15 -12.42
C VAL A 469 -3.89 -16.51 -13.35
N ASP A 470 -2.78 -16.03 -12.79
CA ASP A 470 -1.69 -15.53 -13.62
C ASP A 470 -1.02 -16.68 -14.36
N THR A 471 -0.63 -17.71 -13.62
CA THR A 471 0.03 -18.87 -14.18
C THR A 471 -0.56 -20.11 -13.53
N VAL A 472 -0.61 -21.20 -14.28
CA VAL A 472 -1.06 -22.48 -13.73
C VAL A 472 0.10 -23.25 -13.11
N ASP A 473 1.21 -23.38 -13.83
CA ASP A 473 2.41 -24.04 -13.34
C ASP A 473 3.57 -23.09 -13.45
N PRO A 474 4.08 -22.49 -12.32
CA PRO A 474 3.53 -22.69 -10.98
C PRO A 474 2.21 -21.89 -10.76
N LEU A 475 1.45 -22.28 -9.73
CA LEU A 475 0.17 -21.68 -9.46
C LEU A 475 0.32 -20.30 -8.82
N ARG A 476 -0.20 -19.26 -9.47
CA ARG A 476 -0.26 -17.93 -8.87
C ARG A 476 -1.64 -17.33 -9.14
N VAL A 477 -2.30 -16.83 -8.10
CA VAL A 477 -3.59 -16.16 -8.23
C VAL A 477 -3.44 -14.67 -7.94
N GLN A 478 -4.09 -13.81 -8.74
CA GLN A 478 -4.15 -12.37 -8.41
C GLN A 478 -5.48 -12.15 -7.68
N TRP A 479 -5.40 -12.32 -6.36
CA TRP A 479 -6.56 -12.24 -5.49
C TRP A 479 -7.22 -10.87 -5.58
N ARG A 480 -8.54 -10.88 -5.64
CA ARG A 480 -9.28 -9.64 -5.53
C ARG A 480 -9.10 -9.04 -4.14
N ASN A 481 -9.08 -7.74 -4.12
CA ASN A 481 -9.03 -6.97 -2.88
C ASN A 481 -10.47 -6.67 -2.48
N ASN A 482 -11.17 -7.74 -2.21
CA ASN A 482 -12.62 -7.73 -1.95
C ASN A 482 -12.91 -7.33 -0.50
N SER A 483 -13.72 -6.31 -0.33
CA SER A 483 -13.96 -5.74 0.98
C SER A 483 -15.34 -6.03 1.52
N VAL A 484 -16.17 -6.82 0.84
CA VAL A 484 -17.56 -6.94 1.21
C VAL A 484 -17.99 -8.36 1.52
N ILE A 485 -17.26 -9.38 1.09
CA ILE A 485 -17.66 -10.77 1.28
C ILE A 485 -16.67 -11.44 2.22
N SER A 486 -17.17 -12.00 3.31
CA SER A 486 -16.35 -12.73 4.23
C SER A 486 -17.17 -13.98 4.62
N ARG A 487 -16.77 -14.65 5.69
CA ARG A 487 -17.28 -15.94 6.07
C ARG A 487 -17.45 -15.95 7.59
N PRO A 488 -18.35 -16.80 8.10
CA PRO A 488 -18.51 -16.90 9.55
C PRO A 488 -17.33 -17.59 10.22
N GLY A 489 -17.10 -17.24 11.48
CA GLY A 489 -16.04 -17.85 12.23
C GLY A 489 -16.44 -18.17 13.66
N GLN A 490 -15.45 -18.14 14.56
CA GLN A 490 -15.64 -18.36 15.98
C GLN A 490 -14.93 -17.24 16.75
N SER A 491 -14.70 -17.45 18.06
CA SER A 491 -14.22 -16.37 18.93
C SER A 491 -13.03 -15.57 18.37
N GLN A 492 -11.99 -16.25 17.89
CA GLN A 492 -10.76 -15.53 17.52
C GLN A 492 -10.79 -14.96 16.09
N CYS A 493 -11.24 -15.73 15.13
CA CYS A 493 -11.25 -15.27 13.75
C CYS A 493 -12.68 -15.17 13.25
N PRO A 494 -13.48 -14.15 13.69
CA PRO A 494 -14.88 -14.06 13.23
C PRO A 494 -15.00 -13.34 11.93
N ARG A 495 -16.26 -13.20 11.46
CA ARG A 495 -16.51 -12.61 10.12
C ARG A 495 -15.97 -11.17 10.08
N PHE A 496 -15.24 -10.85 9.02
CA PHE A 496 -14.64 -9.53 8.74
C PHE A 496 -13.32 -9.28 9.47
N ASN A 497 -12.81 -10.24 10.24
CA ASN A 497 -11.48 -10.11 10.84
C ASN A 497 -10.39 -10.05 9.77
N VAL A 498 -9.45 -9.12 9.95
CA VAL A 498 -8.29 -8.99 9.07
C VAL A 498 -6.98 -9.10 9.85
N CYS A 499 -7.03 -9.31 11.15
CA CYS A 499 -5.82 -9.35 11.97
C CYS A 499 -5.30 -10.76 12.08
N PRO A 500 -3.99 -10.97 12.01
CA PRO A 500 -3.47 -12.34 12.11
C PRO A 500 -3.69 -12.88 13.51
N GLU A 501 -4.36 -14.03 13.58
CA GLU A 501 -4.56 -14.76 14.83
C GLU A 501 -4.34 -16.25 14.61
N VAL A 502 -4.05 -16.98 15.68
CA VAL A 502 -3.81 -18.41 15.56
C VAL A 502 -5.17 -19.09 15.63
N CYS A 503 -5.66 -19.50 14.48
CA CYS A 503 -6.96 -20.15 14.43
C CYS A 503 -7.06 -21.03 13.19
N TRP A 504 -7.93 -22.05 13.27
CA TRP A 504 -8.37 -22.89 12.14
C TRP A 504 -9.92 -22.92 12.18
N GLU A 505 -10.55 -21.99 11.47
CA GLU A 505 -12.00 -21.80 11.55
C GLU A 505 -12.53 -21.21 10.25
N GLY A 506 -13.72 -21.64 9.84
CA GLY A 506 -14.32 -21.07 8.65
C GLY A 506 -15.17 -22.08 7.92
N THR A 507 -15.63 -21.69 6.76
CA THR A 507 -16.52 -22.45 5.90
C THR A 507 -16.15 -22.25 4.43
N TYR A 508 -16.39 -23.28 3.60
CA TYR A 508 -16.20 -23.19 2.14
C TYR A 508 -17.51 -22.61 1.56
N ASN A 509 -17.45 -21.35 1.13
CA ASN A 509 -18.54 -20.68 0.42
C ASN A 509 -17.93 -20.02 -0.82
N ASP A 510 -17.97 -20.69 -1.95
CA ASP A 510 -17.25 -20.21 -3.11
C ASP A 510 -18.07 -19.16 -3.86
N ALA A 511 -17.48 -18.63 -4.93
CA ALA A 511 -18.18 -17.76 -5.87
C ALA A 511 -17.60 -17.97 -7.26
N PHE A 512 -18.41 -17.64 -8.27
CA PHE A 512 -18.14 -17.91 -9.67
C PHE A 512 -18.11 -16.57 -10.42
N LEU A 513 -17.03 -16.31 -11.14
CA LEU A 513 -16.93 -15.10 -11.94
C LEU A 513 -17.85 -15.19 -13.14
N ILE A 514 -18.72 -14.19 -13.30
CA ILE A 514 -19.67 -14.15 -14.40
C ILE A 514 -19.44 -12.99 -15.39
N ASP A 515 -18.65 -11.98 -15.03
CA ASP A 515 -18.35 -10.88 -15.96
C ASP A 515 -16.93 -10.40 -15.66
N ARG A 516 -16.01 -10.59 -16.59
CA ARG A 516 -14.62 -10.30 -16.25
C ARG A 516 -14.33 -8.82 -16.35
N LEU A 517 -14.91 -8.10 -17.31
CA LEU A 517 -14.51 -6.71 -17.49
C LEU A 517 -14.92 -5.86 -16.28
N ASN A 518 -16.05 -6.17 -15.66
CA ASN A 518 -16.46 -5.49 -14.43
C ASN A 518 -16.20 -6.32 -13.17
N TRP A 519 -15.53 -7.47 -13.30
CA TRP A 519 -15.26 -8.43 -12.21
C TRP A 519 -16.45 -8.59 -11.26
N VAL A 520 -17.55 -9.09 -11.83
CA VAL A 520 -18.75 -9.45 -11.10
C VAL A 520 -18.78 -10.95 -10.86
N SER A 521 -19.16 -11.35 -9.66
CA SER A 521 -19.16 -12.74 -9.24
C SER A 521 -20.48 -13.07 -8.55
N ALA A 522 -20.89 -14.33 -8.68
CA ALA A 522 -22.08 -14.83 -8.02
C ALA A 522 -21.70 -15.90 -7.02
N GLY A 523 -22.31 -15.88 -5.84
CA GLY A 523 -21.99 -16.88 -4.84
C GLY A 523 -22.88 -16.76 -3.64
N VAL A 524 -22.85 -17.77 -2.79
CA VAL A 524 -23.72 -17.84 -1.64
C VAL A 524 -22.88 -17.68 -0.38
N TYR A 525 -23.24 -16.73 0.48
CA TYR A 525 -22.48 -16.51 1.70
C TYR A 525 -23.44 -16.66 2.89
N LEU A 526 -22.87 -16.89 4.06
CA LEU A 526 -23.64 -17.09 5.28
C LEU A 526 -23.65 -15.76 6.05
N ASN A 527 -24.78 -15.06 6.01
CA ASN A 527 -24.84 -13.73 6.62
C ASN A 527 -24.94 -13.84 8.14
N SER A 528 -23.84 -14.22 8.78
CA SER A 528 -23.71 -14.12 10.23
C SER A 528 -22.23 -14.09 10.61
N ASN A 529 -21.95 -13.56 11.81
CA ASN A 529 -20.58 -13.32 12.21
C ASN A 529 -19.93 -14.51 12.89
N GLN A 530 -20.65 -15.19 13.75
CA GLN A 530 -20.02 -16.28 14.52
C GLN A 530 -20.81 -17.59 14.47
N THR A 531 -21.85 -17.69 13.68
CA THR A 531 -22.62 -18.92 13.56
C THR A 531 -22.90 -19.20 12.08
N ALA A 532 -22.87 -20.48 11.72
CA ALA A 532 -23.00 -20.94 10.35
C ALA A 532 -24.49 -20.98 9.99
N GLU A 533 -25.00 -19.92 9.40
CA GLU A 533 -26.42 -19.81 9.12
C GLU A 533 -26.68 -18.67 8.13
N ASN A 534 -27.94 -18.60 7.70
CA ASN A 534 -28.48 -17.52 6.88
C ASN A 534 -27.86 -17.46 5.49
N PRO A 535 -28.03 -18.47 4.64
CA PRO A 535 -27.47 -18.38 3.27
C PRO A 535 -28.07 -17.21 2.51
N VAL A 536 -27.24 -16.55 1.68
CA VAL A 536 -27.64 -15.39 0.90
C VAL A 536 -26.97 -15.49 -0.45
N PHE A 537 -27.76 -15.60 -1.52
CA PHE A 537 -27.16 -15.60 -2.85
C PHE A 537 -26.92 -14.17 -3.26
N ALA A 538 -25.67 -13.84 -3.58
CA ALA A 538 -25.32 -12.47 -3.88
C ALA A 538 -24.55 -12.41 -5.19
N VAL A 539 -24.73 -11.28 -5.88
CA VAL A 539 -23.94 -10.90 -7.03
C VAL A 539 -23.24 -9.63 -6.62
N PHE A 540 -21.89 -9.63 -6.76
CA PHE A 540 -21.05 -8.60 -6.15
C PHE A 540 -19.80 -8.35 -6.98
N LYS A 541 -19.31 -7.10 -6.89
CA LYS A 541 -17.98 -6.70 -7.34
C LYS A 541 -17.06 -6.60 -6.13
N ASP A 542 -15.83 -6.14 -6.33
CA ASP A 542 -14.86 -6.18 -5.23
C ASP A 542 -15.37 -5.41 -4.02
N ASN A 543 -16.00 -4.25 -4.25
CA ASN A 543 -16.29 -3.33 -3.16
C ASN A 543 -17.76 -3.14 -2.85
N GLU A 544 -18.67 -3.71 -3.64
CA GLU A 544 -20.08 -3.57 -3.34
C GLU A 544 -20.86 -4.81 -3.78
N ILE A 545 -21.89 -5.15 -3.02
CA ILE A 545 -22.84 -6.20 -3.37
C ILE A 545 -23.93 -5.60 -4.26
N LEU A 546 -23.88 -5.93 -5.56
CA LEU A 546 -24.86 -5.35 -6.49
C LEU A 546 -26.28 -5.76 -6.09
N TYR A 547 -26.53 -7.06 -5.93
CA TYR A 547 -27.87 -7.48 -5.52
C TYR A 547 -27.81 -8.83 -4.84
N GLN A 548 -28.87 -9.17 -4.13
CA GLN A 548 -28.83 -10.38 -3.33
C GLN A 548 -30.24 -10.76 -2.88
N VAL A 549 -30.37 -12.03 -2.49
CA VAL A 549 -31.65 -12.54 -1.99
C VAL A 549 -31.37 -13.74 -1.09
N PRO A 550 -32.02 -13.86 0.08
CA PRO A 550 -31.77 -15.03 0.94
C PRO A 550 -32.34 -16.29 0.29
N LEU A 551 -31.91 -17.43 0.80
CA LEU A 551 -32.38 -18.71 0.29
C LEU A 551 -33.14 -19.51 1.34
N ALA A 552 -33.42 -18.89 2.49
CA ALA A 552 -34.15 -19.59 3.54
C ALA A 552 -34.70 -18.53 4.49
N GLU A 553 -35.48 -18.98 5.46
CA GLU A 553 -35.85 -18.11 6.56
C GLU A 553 -34.67 -17.95 7.51
N ASP A 554 -34.68 -16.87 8.30
CA ASP A 554 -33.54 -16.56 9.16
C ASP A 554 -33.34 -17.63 10.22
N ASP A 555 -32.08 -17.77 10.67
CA ASP A 555 -31.60 -18.71 11.70
C ASP A 555 -31.57 -20.16 11.24
N THR A 556 -31.95 -20.47 10.00
CA THR A 556 -31.67 -21.80 9.45
C THR A 556 -30.15 -22.00 9.31
N ASN A 557 -29.64 -23.02 9.97
CA ASN A 557 -28.21 -23.32 9.93
C ASN A 557 -27.82 -23.79 8.53
N ALA A 558 -26.63 -23.40 8.13
CA ALA A 558 -26.08 -23.79 6.85
C ALA A 558 -24.58 -24.00 7.00
N GLN A 559 -23.96 -24.47 5.94
CA GLN A 559 -22.54 -24.82 5.90
C GLN A 559 -22.11 -24.68 4.43
N LYS A 560 -21.19 -25.55 3.98
CA LYS A 560 -20.59 -25.44 2.64
C LYS A 560 -21.60 -24.94 1.62
N THR A 561 -21.18 -24.02 0.77
CA THR A 561 -21.87 -23.71 -0.49
C THR A 561 -20.92 -23.82 -1.67
N ILE A 562 -21.45 -24.37 -2.76
CA ILE A 562 -20.78 -24.48 -4.05
C ILE A 562 -21.68 -23.86 -5.12
N THR A 563 -21.16 -22.91 -5.88
CA THR A 563 -21.90 -22.28 -6.99
C THR A 563 -21.14 -22.48 -8.30
N ASP A 564 -21.87 -22.82 -9.36
CA ASP A 564 -21.32 -22.92 -10.71
C ASP A 564 -22.25 -22.24 -11.68
N CYS A 565 -21.71 -21.53 -12.65
CA CYS A 565 -22.54 -20.74 -13.53
C CYS A 565 -22.23 -21.07 -14.99
N PHE A 566 -23.27 -21.01 -15.81
CA PHE A 566 -23.20 -21.47 -17.20
C PHE A 566 -24.21 -20.67 -18.01
N LEU A 567 -24.36 -21.06 -19.28
CA LEU A 567 -25.28 -20.41 -20.20
C LEU A 567 -26.42 -21.36 -20.58
N LEU A 568 -27.63 -20.80 -20.66
CA LEU A 568 -28.82 -21.47 -21.20
C LEU A 568 -29.47 -20.52 -22.20
N GLU A 569 -29.44 -20.87 -23.49
CA GLU A 569 -29.90 -19.95 -24.55
C GLU A 569 -29.25 -18.58 -24.38
N ASN A 570 -27.95 -18.60 -24.10
CA ASN A 570 -27.10 -17.43 -23.89
C ASN A 570 -27.50 -16.59 -22.68
N VAL A 571 -28.39 -17.08 -21.80
CA VAL A 571 -28.72 -16.39 -20.56
C VAL A 571 -27.90 -16.99 -19.43
N ILE A 572 -27.24 -16.13 -18.64
CA ILE A 572 -26.38 -16.60 -17.56
C ILE A 572 -27.23 -17.13 -16.42
N TRP A 573 -27.06 -18.41 -16.11
CA TRP A 573 -27.69 -19.03 -14.95
C TRP A 573 -26.62 -19.55 -14.01
N CYS A 574 -26.97 -19.66 -12.73
CA CYS A 574 -26.11 -20.31 -11.74
C CYS A 574 -26.87 -21.36 -10.96
N ILE A 575 -26.24 -22.50 -10.71
CA ILE A 575 -26.78 -23.48 -9.77
C ILE A 575 -25.87 -23.48 -8.54
N SER A 576 -26.49 -23.56 -7.38
CA SER A 576 -25.78 -23.54 -6.11
C SER A 576 -26.28 -24.65 -5.22
N LEU A 577 -25.35 -25.42 -4.68
CA LEU A 577 -25.59 -26.41 -3.63
C LEU A 577 -25.31 -25.75 -2.30
N VAL A 578 -26.23 -25.93 -1.36
CA VAL A 578 -26.17 -25.34 -0.03
C VAL A 578 -26.53 -26.42 0.99
N GLU A 579 -25.58 -26.72 1.86
CA GLU A 579 -25.85 -27.60 3.00
C GLU A 579 -26.82 -26.92 3.96
N ILE A 580 -27.84 -27.63 4.40
CA ILE A 580 -28.92 -27.00 5.18
C ILE A 580 -29.44 -27.99 6.23
N TYR A 581 -29.70 -27.47 7.43
CA TYR A 581 -30.54 -28.14 8.43
C TYR A 581 -31.98 -27.64 8.32
N ASP A 582 -32.93 -28.58 8.28
CA ASP A 582 -34.38 -28.27 8.25
C ASP A 582 -35.02 -28.50 9.62
N SER A 586 -37.12 -32.78 9.33
CA SER A 586 -35.87 -32.16 9.75
C SER A 586 -34.68 -33.09 9.46
N VAL A 587 -34.06 -32.84 8.30
CA VAL A 587 -32.87 -33.57 7.83
C VAL A 587 -31.83 -32.54 7.38
N ILE A 588 -30.57 -32.84 7.65
CA ILE A 588 -29.43 -32.03 7.20
C ILE A 588 -28.99 -32.60 5.85
N ARG A 589 -29.16 -31.81 4.79
CA ARG A 589 -28.93 -32.32 3.45
C ARG A 589 -28.60 -31.17 2.53
N PRO A 590 -28.02 -31.44 1.36
CA PRO A 590 -27.73 -30.36 0.40
C PRO A 590 -28.97 -30.06 -0.42
N LYS A 591 -29.37 -28.80 -0.41
CA LYS A 591 -30.40 -28.32 -1.33
C LYS A 591 -29.72 -27.72 -2.55
N LEU A 592 -30.43 -27.77 -3.68
CA LEU A 592 -29.91 -27.24 -4.92
C LEU A 592 -30.87 -26.17 -5.43
N PHE A 593 -30.30 -25.05 -5.87
CA PHE A 593 -31.07 -23.93 -6.41
C PHE A 593 -30.55 -23.53 -7.78
N ALA A 594 -31.45 -23.13 -8.67
CA ALA A 594 -31.08 -22.49 -9.92
C ALA A 594 -31.48 -21.02 -9.85
N VAL A 595 -30.56 -20.14 -10.20
CA VAL A 595 -30.80 -18.70 -10.12
C VAL A 595 -30.47 -18.05 -11.44
N LYS A 596 -31.48 -17.45 -12.06
CA LYS A 596 -31.27 -16.69 -13.28
C LYS A 596 -30.78 -15.30 -12.89
N ILE A 597 -29.71 -14.83 -13.51
CA ILE A 597 -29.17 -13.51 -13.25
C ILE A 597 -29.80 -12.53 -14.24
N PRO A 598 -30.48 -11.49 -13.76
CA PRO A 598 -31.34 -10.67 -14.63
C PRO A 598 -30.55 -9.78 -15.56
N ALA A 599 -31.20 -9.42 -16.68
CA ALA A 599 -30.59 -8.50 -17.63
C ALA A 599 -30.87 -7.04 -17.30
N GLN A 600 -31.72 -6.76 -16.30
CA GLN A 600 -32.16 -5.40 -15.99
C GLN A 600 -32.44 -5.31 -14.49
N CYS A 601 -32.49 -4.08 -13.98
CA CYS A 601 -32.62 -3.82 -12.55
C CYS A 601 -34.01 -3.33 -12.14
N SER A 602 -34.98 -3.26 -13.08
CA SER A 602 -36.36 -2.93 -12.71
C SER A 602 -36.99 -4.11 -11.95
N GLU A 603 -37.66 -3.81 -10.83
CA GLU A 603 -38.18 -4.86 -9.91
C GLU A 603 -39.28 -5.69 -10.55
N GLN B 1 -3.73 17.95 27.18
CA GLN B 1 -2.29 17.88 27.41
C GLN B 1 -1.72 16.55 26.88
N ILE B 2 -2.38 15.97 25.88
CA ILE B 2 -1.73 14.93 25.09
C ILE B 2 -0.56 15.55 24.35
N GLN B 3 0.65 15.05 24.61
CA GLN B 3 1.82 15.62 23.96
C GLN B 3 2.89 14.57 23.71
N LEU B 4 3.63 14.78 22.61
CA LEU B 4 4.82 14.01 22.25
C LEU B 4 6.04 14.93 22.37
N VAL B 5 7.11 14.44 23.00
CA VAL B 5 8.28 15.27 23.24
C VAL B 5 9.53 14.49 22.83
N GLN B 6 10.28 15.00 21.85
CA GLN B 6 11.44 14.27 21.37
C GLN B 6 12.74 14.83 21.94
N SER B 7 13.78 13.99 21.94
CA SER B 7 15.07 14.44 22.39
C SER B 7 15.57 15.61 21.53
N GLY B 8 16.63 16.25 22.00
CA GLY B 8 17.11 17.46 21.37
C GLY B 8 17.86 17.17 20.11
N PRO B 9 18.22 18.23 19.39
CA PRO B 9 18.93 18.06 18.12
C PRO B 9 20.28 17.39 18.37
N GLU B 10 20.82 16.77 17.32
CA GLU B 10 22.02 15.95 17.41
C GLU B 10 23.05 16.33 16.37
N LEU B 11 24.32 16.30 16.77
CA LEU B 11 25.44 16.45 15.86
C LEU B 11 26.32 15.21 15.96
N LYS B 12 26.45 14.48 14.85
CA LYS B 12 27.14 13.19 14.83
C LYS B 12 28.10 13.10 13.66
N LYS B 13 29.20 12.38 13.88
CA LYS B 13 30.12 12.21 12.76
C LYS B 13 29.67 11.07 11.86
N PRO B 14 30.08 11.06 10.58
CA PRO B 14 29.77 9.91 9.73
C PRO B 14 30.27 8.63 10.39
N GLY B 15 29.44 7.58 10.31
CA GLY B 15 29.72 6.28 10.89
C GLY B 15 29.29 6.10 12.33
N GLU B 16 28.90 7.17 13.02
CA GLU B 16 28.57 7.10 14.42
C GLU B 16 27.16 6.56 14.60
N THR B 17 26.66 6.55 15.83
CA THR B 17 25.35 5.98 16.08
C THR B 17 24.55 6.95 16.93
N VAL B 18 23.35 7.26 16.49
CA VAL B 18 22.49 8.19 17.23
C VAL B 18 21.24 7.44 17.67
N LYS B 19 20.68 7.86 18.78
CA LYS B 19 19.46 7.28 19.32
C LYS B 19 18.50 8.39 19.72
N ILE B 20 17.47 8.59 18.93
CA ILE B 20 16.45 9.59 19.18
C ILE B 20 15.37 9.00 20.07
N SER B 21 14.89 9.82 21.00
CA SER B 21 13.86 9.46 21.96
C SER B 21 12.61 10.27 21.67
N CYS B 22 11.43 9.67 21.93
CA CYS B 22 10.14 10.37 21.84
C CYS B 22 9.25 9.90 22.98
N THR B 23 8.91 10.80 23.90
CA THR B 23 8.16 10.45 25.10
C THR B 23 6.74 11.02 25.03
N THR B 24 5.77 10.20 25.41
CA THR B 24 4.36 10.54 25.28
C THR B 24 3.72 10.71 26.66
N SER B 25 2.75 11.61 26.73
CA SER B 25 1.94 11.68 27.94
C SER B 25 0.60 12.31 27.63
N GLY B 26 -0.32 12.19 28.59
CA GLY B 26 -1.65 12.71 28.48
C GLY B 26 -2.67 11.70 27.99
N TYR B 27 -2.30 10.42 27.91
CA TYR B 27 -3.14 9.31 27.44
C TYR B 27 -2.46 7.98 27.82
N THR B 28 -3.25 6.88 27.89
CA THR B 28 -2.66 5.59 28.25
C THR B 28 -1.76 5.09 27.12
N PHE B 29 -0.51 4.81 27.48
CA PHE B 29 0.54 4.65 26.49
C PHE B 29 0.16 3.62 25.42
N THR B 30 -0.42 2.49 25.84
CA THR B 30 -0.56 1.33 24.96
C THR B 30 -1.87 1.30 24.18
N ASN B 31 -2.73 2.30 24.30
CA ASN B 31 -3.92 2.34 23.45
C ASN B 31 -3.66 2.94 22.08
N TYR B 32 -2.41 3.35 21.79
CA TYR B 32 -2.06 3.87 20.48
C TYR B 32 -0.64 3.40 20.15
N GLY B 33 -0.42 3.05 18.88
CA GLY B 33 0.93 2.83 18.41
C GLY B 33 1.50 4.15 17.93
N LEU B 34 2.70 4.03 17.34
CA LEU B 34 3.47 5.24 17.07
C LEU B 34 4.22 5.11 15.76
N ASN B 35 4.11 6.11 14.91
CA ASN B 35 4.84 6.19 13.67
C ASN B 35 6.12 6.99 13.85
N TRP B 36 7.13 6.63 13.06
CA TRP B 36 8.32 7.44 12.87
C TRP B 36 8.34 7.91 11.42
N VAL B 37 8.63 9.20 11.22
CA VAL B 37 8.60 9.83 9.90
C VAL B 37 9.89 10.61 9.72
N LYS B 38 10.40 10.61 8.49
CA LYS B 38 11.64 11.29 8.11
C LYS B 38 11.32 12.39 7.12
N GLN B 39 11.83 13.59 7.38
CA GLN B 39 11.76 14.72 6.47
C GLN B 39 13.16 15.18 6.13
N ALA B 40 13.58 14.96 4.87
CA ALA B 40 14.85 15.48 4.40
C ALA B 40 14.75 16.98 4.17
N PRO B 41 15.85 17.72 4.39
CA PRO B 41 15.78 19.18 4.31
C PRO B 41 15.17 19.62 3.00
N GLY B 42 14.22 20.55 3.10
CA GLY B 42 13.55 21.12 1.95
C GLY B 42 12.87 20.12 1.05
N LYS B 43 12.53 18.93 1.55
CA LYS B 43 11.91 17.88 0.76
C LYS B 43 10.65 17.40 1.50
N GLY B 44 9.98 16.40 0.92
CA GLY B 44 8.78 15.83 1.49
C GLY B 44 9.07 14.82 2.60
N PHE B 45 8.01 14.14 3.02
CA PHE B 45 8.01 13.17 4.11
C PHE B 45 8.10 11.74 3.60
N LYS B 46 8.62 10.88 4.48
CA LYS B 46 8.82 9.47 4.20
C LYS B 46 8.50 8.71 5.48
N TRP B 47 7.60 7.73 5.35
CA TRP B 47 7.20 6.85 6.43
C TRP B 47 8.26 5.79 6.71
N MET B 48 8.59 5.59 7.98
CA MET B 48 9.70 4.75 8.38
C MET B 48 9.27 3.44 9.02
N ALA B 49 8.46 3.51 10.07
CA ALA B 49 8.06 2.35 10.84
C ALA B 49 6.80 2.74 11.60
N TRP B 50 6.07 1.71 12.04
CA TRP B 50 4.93 1.86 12.96
C TRP B 50 5.08 0.81 14.05
N ILE B 51 5.12 1.22 15.30
CA ILE B 51 5.40 0.29 16.38
C ILE B 51 4.15 0.11 17.22
N ASN B 52 3.86 -1.16 17.52
CA ASN B 52 2.76 -1.53 18.38
C ASN B 52 3.19 -1.41 19.83
N THR B 53 2.57 -0.46 20.55
CA THR B 53 2.93 -0.17 21.93
C THR B 53 2.48 -1.25 22.90
N TYR B 54 1.46 -2.04 22.55
CA TYR B 54 1.14 -3.21 23.37
C TYR B 54 2.16 -4.32 23.21
N THR B 55 2.49 -4.70 21.98
CA THR B 55 3.34 -5.87 21.76
C THR B 55 4.82 -5.52 21.66
N GLY B 56 5.14 -4.26 21.34
CA GLY B 56 6.52 -3.85 21.15
C GLY B 56 7.08 -4.18 19.79
N GLU B 57 6.30 -4.76 18.91
CA GLU B 57 6.81 -5.18 17.61
C GLU B 57 6.66 -4.05 16.59
N PRO B 58 7.73 -3.68 15.89
CA PRO B 58 7.60 -2.69 14.81
C PRO B 58 7.28 -3.34 13.48
N THR B 59 6.62 -2.54 12.63
CA THR B 59 6.42 -2.83 11.22
C THR B 59 7.16 -1.75 10.44
N TYR B 60 8.29 -2.08 9.85
CA TYR B 60 9.08 -1.04 9.25
C TYR B 60 9.10 -1.20 7.73
N ALA B 61 9.35 -0.10 7.03
CA ALA B 61 9.50 -0.17 5.59
C ALA B 61 10.78 -0.91 5.22
N ASP B 62 10.82 -1.39 3.98
CA ASP B 62 12.01 -2.06 3.50
C ASP B 62 13.22 -1.14 3.45
N ASP B 63 13.02 0.16 3.20
CA ASP B 63 14.17 1.03 3.09
C ASP B 63 14.88 1.25 4.41
N PHE B 64 14.25 0.91 5.55
CA PHE B 64 14.81 1.19 6.87
C PHE B 64 15.08 -0.08 7.68
N LYS B 65 15.57 -1.12 7.02
CA LYS B 65 15.92 -2.34 7.72
C LYS B 65 17.41 -2.31 8.02
N GLY B 66 17.84 -3.24 8.87
CA GLY B 66 19.24 -3.44 9.14
C GLY B 66 19.82 -2.45 10.12
N ARG B 67 20.18 -1.25 9.67
CA ARG B 67 20.84 -0.34 10.57
C ARG B 67 19.88 0.64 11.21
N PHE B 68 18.59 0.30 11.26
CA PHE B 68 17.59 1.12 11.93
C PHE B 68 16.88 0.26 12.94
N ALA B 69 16.73 0.75 14.16
CA ALA B 69 16.13 -0.05 15.22
C ALA B 69 15.01 0.75 15.88
N PHE B 70 13.79 0.25 15.81
CA PHE B 70 12.67 0.95 16.43
C PHE B 70 12.23 0.17 17.67
N SER B 71 12.54 0.71 18.86
CA SER B 71 12.22 0.00 20.11
C SER B 71 11.31 0.86 20.98
N LEU B 72 10.98 0.35 22.17
CA LEU B 72 10.31 1.22 23.15
C LEU B 72 10.63 0.77 24.57
N GLU B 73 10.53 1.73 25.49
CA GLU B 73 10.48 1.46 26.93
C GLU B 73 9.06 1.78 27.40
N THR B 74 8.33 0.72 27.71
CA THR B 74 6.97 0.88 28.21
C THR B 74 6.94 1.56 29.56
N SER B 75 7.90 1.25 30.44
CA SER B 75 7.94 1.87 31.75
C SER B 75 8.01 3.39 31.62
N ALA B 76 8.96 3.90 30.83
CA ALA B 76 9.13 5.34 30.61
C ALA B 76 8.10 5.92 29.66
N SER B 77 7.22 5.06 29.14
CA SER B 77 6.18 5.45 28.21
C SER B 77 6.79 6.19 27.01
N THR B 78 7.91 5.66 26.50
CA THR B 78 8.66 6.34 25.47
C THR B 78 9.08 5.34 24.40
N THR B 79 9.35 5.85 23.20
CA THR B 79 9.86 5.02 22.11
C THR B 79 11.18 5.60 21.59
N TYR B 80 11.96 4.75 20.92
CA TYR B 80 13.28 5.12 20.43
C TYR B 80 13.45 4.72 18.99
N LEU B 81 14.16 5.55 18.24
CA LEU B 81 14.69 5.19 16.93
C LEU B 81 16.21 5.29 17.02
N GLN B 82 16.90 4.18 16.83
CA GLN B 82 18.35 4.17 16.77
C GLN B 82 18.80 4.00 15.33
N ILE B 83 19.84 4.75 14.94
CA ILE B 83 20.46 4.64 13.64
C ILE B 83 21.94 4.34 13.89
N ASN B 84 22.37 3.16 13.47
CA ASN B 84 23.77 2.78 13.50
C ASN B 84 24.43 3.18 12.21
N ASN B 85 25.74 3.35 12.27
CA ASN B 85 26.53 3.45 11.04
C ASN B 85 26.02 4.61 10.18
N LEU B 86 26.08 5.82 10.77
CA LEU B 86 25.42 7.00 10.22
C LEU B 86 26.11 7.51 8.97
N LYS B 87 25.32 7.95 8.00
CA LYS B 87 25.88 8.46 6.76
C LYS B 87 25.21 9.77 6.37
N ASN B 88 25.81 10.47 5.39
CA ASN B 88 25.36 11.80 5.00
C ASN B 88 23.88 11.81 4.70
N GLU B 89 23.41 10.78 3.98
CA GLU B 89 22.05 10.69 3.49
C GLU B 89 21.02 10.50 4.60
N ASP B 90 21.45 10.39 5.86
CA ASP B 90 20.59 10.36 7.04
C ASP B 90 20.39 11.71 7.69
N MET B 91 21.09 12.75 7.25
CA MET B 91 20.93 14.07 7.85
C MET B 91 19.53 14.56 7.55
N SER B 92 18.71 14.73 8.60
CA SER B 92 17.29 14.98 8.36
C SER B 92 16.57 15.38 9.66
N THR B 93 15.25 15.58 9.56
CA THR B 93 14.37 15.80 10.69
C THR B 93 13.46 14.59 10.89
N TYR B 94 13.39 14.09 12.11
CA TYR B 94 12.67 12.88 12.43
C TYR B 94 11.55 13.18 13.40
N PHE B 95 10.32 12.95 12.99
CA PHE B 95 9.15 13.15 13.84
C PHE B 95 8.62 11.82 14.35
N CYS B 96 8.10 11.83 15.58
CA CYS B 96 7.28 10.73 16.03
C CYS B 96 5.83 11.21 16.03
N ALA B 97 4.90 10.29 15.79
CA ALA B 97 3.52 10.73 15.75
C ALA B 97 2.62 9.62 16.27
N ARG B 98 1.52 10.01 16.92
CA ARG B 98 0.59 9.03 17.44
C ARG B 98 -0.25 8.43 16.31
N SER B 99 -0.42 7.11 16.34
CA SER B 99 -1.19 6.40 15.32
C SER B 99 -1.87 5.21 15.97
N GLY B 100 -3.19 5.27 16.11
CA GLY B 100 -3.92 4.24 16.81
C GLY B 100 -4.11 2.99 15.99
N TYR B 101 -4.73 1.98 16.62
CA TYR B 101 -4.98 0.68 16.00
C TYR B 101 -6.26 0.74 15.17
N TYR B 102 -6.63 -0.41 14.57
CA TYR B 102 -7.88 -0.52 13.81
C TYR B 102 -9.10 -0.33 14.71
N ASP B 103 -8.90 -0.48 16.03
CA ASP B 103 -9.94 -0.26 17.02
C ASP B 103 -10.31 1.21 17.18
N GLY B 104 -9.45 2.13 16.74
CA GLY B 104 -9.77 3.53 16.92
C GLY B 104 -9.51 4.34 15.66
N LEU B 105 -8.66 5.36 15.82
CA LEU B 105 -8.17 6.22 14.75
C LEU B 105 -6.68 5.95 14.53
N LYS B 106 -6.30 5.60 13.29
CA LYS B 106 -4.92 5.29 12.96
C LYS B 106 -4.23 6.42 12.19
N ALA B 107 -4.96 7.46 11.84
CA ALA B 107 -4.34 8.68 11.36
C ALA B 107 -3.48 9.30 12.47
N MET B 108 -2.56 10.17 12.07
CA MET B 108 -1.59 10.77 13.00
C MET B 108 -2.14 12.10 13.51
N ASP B 109 -2.82 12.03 14.66
CA ASP B 109 -3.52 13.22 15.19
C ASP B 109 -2.57 14.13 15.95
N TYR B 110 -1.60 13.56 16.67
CA TYR B 110 -0.66 14.34 17.47
C TYR B 110 0.76 13.98 17.07
N TRP B 111 1.60 15.01 16.87
CA TRP B 111 2.99 14.86 16.46
C TRP B 111 3.95 15.41 17.49
N GLY B 112 5.14 14.83 17.54
CA GLY B 112 6.24 15.48 18.23
C GLY B 112 6.77 16.69 17.46
N GLN B 113 7.63 17.45 18.14
CA GLN B 113 8.15 18.68 17.56
C GLN B 113 9.25 18.44 16.54
N GLY B 114 9.78 17.23 16.47
CA GLY B 114 10.86 16.90 15.55
C GLY B 114 12.19 16.83 16.26
N THR B 115 13.11 16.08 15.68
CA THR B 115 14.49 16.02 16.15
C THR B 115 15.35 16.19 14.92
N SER B 116 16.39 17.03 14.99
CA SER B 116 17.22 17.31 13.82
C SER B 116 18.52 16.54 14.01
N VAL B 117 18.88 15.71 13.03
CA VAL B 117 20.17 15.02 13.04
C VAL B 117 21.03 15.61 11.94
N THR B 118 22.21 16.12 12.35
CA THR B 118 23.23 16.73 11.50
C THR B 118 24.43 15.80 11.46
N VAL B 119 25.04 15.65 10.29
CA VAL B 119 26.14 14.71 10.08
C VAL B 119 27.30 15.47 9.47
N SER B 120 28.38 15.64 10.24
CA SER B 120 29.59 16.33 9.78
C SER B 120 30.77 15.87 10.62
N SER B 121 31.94 15.77 9.98
CA SER B 121 33.14 15.41 10.71
C SER B 121 33.84 16.59 11.36
N ALA B 122 33.26 17.78 11.24
CA ALA B 122 33.93 19.00 11.64
C ALA B 122 33.72 19.28 13.11
N LYS B 123 34.72 19.83 13.76
CA LYS B 123 34.53 20.33 15.10
C LYS B 123 34.18 21.80 15.00
N THR B 124 34.05 22.45 16.15
CA THR B 124 33.56 23.82 16.16
C THR B 124 34.50 24.77 15.40
N THR B 125 34.06 25.18 14.22
CA THR B 125 34.76 26.13 13.39
C THR B 125 34.00 27.43 13.31
N PRO B 126 34.71 28.55 13.49
CA PRO B 126 34.06 29.83 13.38
C PRO B 126 33.77 30.18 11.93
N PRO B 127 33.04 31.24 11.69
CA PRO B 127 32.87 31.72 10.32
C PRO B 127 33.98 32.66 9.84
N SER B 128 34.30 32.51 8.57
CA SER B 128 35.10 33.47 7.84
C SER B 128 34.14 34.44 7.15
N VAL B 129 34.25 35.75 7.44
CA VAL B 129 33.28 36.75 6.99
C VAL B 129 33.90 37.68 5.99
N TYR B 130 33.34 37.74 4.80
CA TYR B 130 33.89 38.60 3.78
C TYR B 130 32.85 39.63 3.38
N PRO B 131 33.31 40.83 3.00
CA PRO B 131 32.35 41.86 2.51
C PRO B 131 32.14 41.79 1.02
N LEU B 132 30.91 42.11 0.63
CA LEU B 132 30.45 42.21 -0.78
C LEU B 132 30.06 43.67 -1.06
N ALA B 133 30.90 44.36 -1.84
CA ALA B 133 30.78 45.71 -2.34
C ALA B 133 30.68 45.69 -3.86
N PRO B 134 29.74 46.44 -4.44
CA PRO B 134 29.53 46.37 -5.89
C PRO B 134 30.73 46.90 -6.67
N GLY B 135 30.88 46.41 -7.91
CA GLY B 135 31.85 46.95 -8.84
C GLY B 135 31.43 48.26 -9.51
N SER B 136 32.02 48.53 -10.69
CA SER B 136 31.77 49.79 -11.38
C SER B 136 30.34 49.95 -11.91
N ALA B 137 29.58 48.87 -12.12
CA ALA B 137 28.25 48.98 -12.75
C ALA B 137 27.36 49.94 -11.95
N ALA B 138 26.58 50.78 -12.66
CA ALA B 138 25.91 51.92 -12.03
C ALA B 138 25.01 51.48 -10.87
N GLN B 139 24.79 52.41 -9.91
CA GLN B 139 23.95 52.14 -8.74
C GLN B 139 22.48 52.24 -9.17
N THR B 140 21.80 51.10 -9.18
CA THR B 140 20.53 51.00 -9.89
C THR B 140 19.41 51.77 -9.17
N ASN B 141 18.72 52.64 -9.93
CA ASN B 141 17.47 53.29 -9.51
C ASN B 141 17.53 53.87 -8.09
N SER B 142 18.64 54.55 -7.75
CA SER B 142 18.78 55.25 -6.47
C SER B 142 18.65 54.28 -5.28
N MET B 143 19.12 53.05 -5.44
CA MET B 143 19.32 52.12 -4.34
C MET B 143 20.56 51.29 -4.65
N VAL B 144 21.20 50.78 -3.59
CA VAL B 144 22.41 49.97 -3.69
C VAL B 144 22.27 48.76 -2.78
N THR B 145 22.81 47.65 -3.23
CA THR B 145 22.79 46.41 -2.48
C THR B 145 24.22 46.02 -2.12
N LEU B 146 24.40 45.73 -0.83
CA LEU B 146 25.65 45.30 -0.23
C LEU B 146 25.44 43.95 0.44
N GLY B 147 26.52 43.29 0.83
CA GLY B 147 26.34 41.96 1.37
C GLY B 147 27.48 41.47 2.23
N CYS B 148 27.17 40.40 2.95
CA CYS B 148 28.14 39.65 3.74
C CYS B 148 28.12 38.18 3.33
N LEU B 149 29.30 37.61 3.18
CA LEU B 149 29.50 36.20 2.92
C LEU B 149 30.03 35.60 4.20
N VAL B 150 29.30 34.63 4.76
CA VAL B 150 29.67 33.97 6.00
C VAL B 150 30.01 32.52 5.68
N LYS B 151 31.30 32.17 5.57
CA LYS B 151 31.78 30.93 4.97
C LYS B 151 32.42 29.99 6.00
N GLY B 152 32.11 28.70 5.89
CA GLY B 152 32.89 27.63 6.51
C GLY B 152 32.86 27.52 8.01
N TYR B 153 31.69 27.57 8.61
CA TYR B 153 31.59 27.49 10.06
C TYR B 153 30.80 26.27 10.51
N PHE B 154 30.91 25.99 11.78
CA PHE B 154 30.24 24.83 12.32
C PHE B 154 30.26 24.90 13.83
N PRO B 155 29.13 24.62 14.48
CA PRO B 155 27.84 24.30 13.91
C PRO B 155 26.89 25.49 13.82
N GLU B 156 25.63 25.22 13.43
CA GLU B 156 24.60 26.24 13.46
C GLU B 156 24.19 26.57 14.88
N PRO B 157 23.75 27.82 15.15
CA PRO B 157 23.58 28.91 14.19
C PRO B 157 24.59 30.04 14.30
N VAL B 158 24.62 30.89 13.29
CA VAL B 158 25.17 32.22 13.38
C VAL B 158 23.98 33.15 13.47
N THR B 159 24.18 34.36 13.93
CA THR B 159 23.21 35.43 13.76
C THR B 159 23.90 36.57 13.03
N VAL B 160 23.15 37.20 12.14
CA VAL B 160 23.67 38.25 11.27
C VAL B 160 22.75 39.45 11.34
N THR B 161 23.27 40.58 11.83
CA THR B 161 22.57 41.88 11.78
C THR B 161 23.37 42.87 10.95
N TRP B 162 22.72 43.98 10.62
CA TRP B 162 23.35 45.09 9.90
C TRP B 162 23.21 46.36 10.73
N ASN B 163 24.33 47.07 10.93
CA ASN B 163 24.35 48.31 11.71
C ASN B 163 23.71 48.10 13.08
N SER B 164 24.04 46.95 13.67
CA SER B 164 23.54 46.50 14.96
C SER B 164 22.02 46.45 15.00
N GLY B 165 21.40 46.15 13.86
CA GLY B 165 19.96 46.02 13.77
C GLY B 165 19.26 47.22 13.16
N SER B 166 19.96 48.37 13.08
CA SER B 166 19.39 49.62 12.57
C SER B 166 18.71 49.45 11.22
N LEU B 167 19.09 48.47 10.43
CA LEU B 167 18.61 48.38 9.06
C LEU B 167 17.70 47.18 8.84
N SER B 168 16.87 46.82 9.82
CA SER B 168 16.12 45.55 9.76
C SER B 168 15.38 45.35 8.44
N SER B 169 14.56 46.32 8.01
CA SER B 169 13.91 46.17 6.70
C SER B 169 14.94 46.27 5.59
N GLY B 170 14.61 45.69 4.43
CA GLY B 170 15.55 45.66 3.30
C GLY B 170 16.67 44.66 3.40
N VAL B 171 16.58 43.70 4.32
CA VAL B 171 17.60 42.68 4.54
C VAL B 171 17.05 41.32 4.14
N HIS B 172 17.81 40.59 3.33
CA HIS B 172 17.55 39.19 3.04
C HIS B 172 18.69 38.38 3.59
N THR B 173 18.43 37.56 4.61
CA THR B 173 19.44 36.63 5.10
C THR B 173 19.08 35.21 4.67
N PHE B 174 20.00 34.56 4.02
CA PHE B 174 19.59 33.34 3.37
C PHE B 174 19.95 32.12 4.22
N PRO B 175 19.16 31.06 4.11
CA PRO B 175 19.45 29.81 4.83
C PRO B 175 20.80 29.20 4.49
N ALA B 176 21.51 28.75 5.50
CA ALA B 176 22.84 28.22 5.26
C ALA B 176 22.74 26.85 4.58
N VAL B 177 23.78 26.48 3.84
CA VAL B 177 23.83 25.14 3.31
C VAL B 177 25.18 24.51 3.68
N LEU B 178 25.16 23.17 3.79
CA LEU B 178 26.29 22.35 4.22
C LEU B 178 27.03 21.76 3.03
N GLN B 179 28.32 22.06 2.92
CA GLN B 179 29.15 21.50 1.87
C GLN B 179 30.49 21.16 2.50
N SER B 180 30.99 19.95 2.18
CA SER B 180 32.28 19.47 2.63
C SER B 180 32.51 19.75 4.11
N ASP B 181 31.47 19.46 4.90
CA ASP B 181 31.35 19.51 6.36
C ASP B 181 31.02 20.87 6.97
N LEU B 182 30.98 21.97 6.23
CA LEU B 182 30.85 23.28 6.85
C LEU B 182 29.67 24.00 6.24
N TYR B 183 29.07 24.90 7.01
CA TYR B 183 27.98 25.77 6.54
C TYR B 183 28.52 27.05 5.88
N THR B 184 27.82 27.50 4.85
CA THR B 184 28.01 28.83 4.27
C THR B 184 26.64 29.49 4.16
N LEU B 185 26.56 30.78 4.50
CA LEU B 185 25.37 31.56 4.17
C LEU B 185 25.78 32.94 3.74
N SER B 186 24.79 33.72 3.32
CA SER B 186 25.07 35.05 2.83
C SER B 186 23.90 35.94 3.17
N SER B 187 24.17 37.23 3.25
CA SER B 187 23.14 38.20 3.60
C SER B 187 23.30 39.44 2.72
N SER B 188 22.17 39.93 2.23
CA SER B 188 22.13 41.17 1.44
C SER B 188 21.33 42.22 2.18
N VAL B 189 21.79 43.46 2.07
CA VAL B 189 21.09 44.62 2.60
C VAL B 189 20.97 45.65 1.48
N THR B 190 19.82 46.33 1.42
CA THR B 190 19.55 47.29 0.36
C THR B 190 19.19 48.64 0.96
N VAL B 191 19.93 49.67 0.56
CA VAL B 191 19.85 51.01 1.15
C VAL B 191 19.88 52.06 0.05
N PRO B 192 19.32 53.24 0.32
CA PRO B 192 19.32 54.33 -0.67
C PRO B 192 20.72 54.78 -1.02
N SER B 193 20.94 55.14 -2.29
CA SER B 193 22.30 55.49 -2.74
C SER B 193 22.92 56.67 -1.95
N SER B 194 22.11 57.54 -1.39
CA SER B 194 22.64 58.62 -0.55
C SER B 194 23.34 58.08 0.72
N THR B 195 22.78 57.03 1.31
CA THR B 195 23.24 56.67 2.64
C THR B 195 24.54 55.88 2.62
N TRP B 196 24.90 55.29 1.47
CA TRP B 196 26.14 54.55 1.32
C TRP B 196 26.87 54.99 0.06
N PRO B 197 28.17 55.32 0.16
CA PRO B 197 29.04 55.26 1.34
C PRO B 197 29.10 56.54 2.19
N SER B 198 28.10 57.44 2.13
CA SER B 198 28.12 58.64 2.96
C SER B 198 28.10 58.27 4.43
N GLU B 199 27.28 57.29 4.77
CA GLU B 199 27.29 56.74 6.10
C GLU B 199 27.66 55.24 6.02
N THR B 200 28.13 54.72 7.15
CA THR B 200 28.74 53.41 7.18
C THR B 200 27.67 52.33 7.23
N VAL B 201 27.96 51.24 6.54
CA VAL B 201 27.20 50.01 6.61
C VAL B 201 28.16 48.90 6.98
N THR B 202 27.95 48.31 8.13
CA THR B 202 28.80 47.24 8.60
C THR B 202 27.92 46.07 9.03
N CYS B 203 28.39 44.85 8.79
CA CYS B 203 27.55 43.72 9.12
C CYS B 203 28.14 42.98 10.32
N ASN B 204 27.26 42.52 11.19
CA ASN B 204 27.60 41.99 12.50
C ASN B 204 27.24 40.51 12.54
N VAL B 205 28.27 39.67 12.61
CA VAL B 205 28.11 38.22 12.66
C VAL B 205 28.46 37.76 14.06
N ALA B 206 27.65 36.86 14.60
CA ALA B 206 27.91 36.24 15.90
C ALA B 206 27.76 34.74 15.78
N HIS B 207 28.76 33.98 16.25
CA HIS B 207 28.73 32.52 16.25
C HIS B 207 29.04 32.01 17.66
N PRO B 208 28.02 31.68 18.45
CA PRO B 208 28.27 31.46 19.89
C PRO B 208 29.00 30.19 20.20
N ALA B 209 28.82 29.14 19.43
CA ALA B 209 29.49 27.87 19.70
C ALA B 209 31.00 28.04 19.80
N SER B 210 31.58 28.85 18.91
CA SER B 210 32.99 29.15 18.97
C SER B 210 33.31 30.39 19.79
N SER B 211 32.29 31.10 20.28
CA SER B 211 32.45 32.36 20.99
C SER B 211 33.07 33.44 20.10
N THR B 212 32.54 33.58 18.89
CA THR B 212 33.09 34.48 17.88
C THR B 212 32.18 35.67 17.60
N LYS B 213 32.78 36.86 17.45
CA LYS B 213 32.10 38.06 17.00
C LYS B 213 32.91 38.71 15.87
N VAL B 214 32.24 38.98 14.75
CA VAL B 214 32.86 39.67 13.62
C VAL B 214 32.06 40.93 13.30
N ASP B 215 32.77 42.01 12.99
CA ASP B 215 32.18 43.16 12.33
C ASP B 215 32.98 43.45 11.09
N LYS B 216 32.30 43.50 9.94
CA LYS B 216 32.97 43.86 8.70
C LYS B 216 32.31 45.11 8.13
N LYS B 217 33.10 46.17 7.99
CA LYS B 217 32.67 47.40 7.33
C LYS B 217 32.72 47.15 5.83
N ILE B 218 31.64 47.50 5.13
CA ILE B 218 31.62 47.43 3.67
C ILE B 218 32.17 48.74 3.14
N VAL B 219 33.28 48.68 2.43
CA VAL B 219 33.87 49.89 1.86
C VAL B 219 33.96 49.70 0.35
N PRO B 220 33.86 50.76 -0.44
CA PRO B 220 33.82 50.59 -1.90
C PRO B 220 35.17 50.16 -2.46
N ARG B 221 35.16 49.86 -3.75
CA ARG B 221 36.39 49.51 -4.43
C ARG B 221 36.82 50.65 -5.35
N ASP B 222 38.15 50.82 -5.48
CA ASP B 222 38.61 51.64 -6.60
C ASP B 222 38.10 51.07 -7.92
N CYS B 223 38.24 49.74 -8.12
CA CYS B 223 37.68 49.03 -9.29
C CYS B 223 36.14 48.95 -9.16
N ASP C 1 5.83 -0.03 -4.15
CA ASP C 1 5.18 1.00 -3.33
C ASP C 1 4.12 1.75 -4.14
N VAL C 2 3.15 2.29 -3.43
CA VAL C 2 2.12 3.12 -4.06
C VAL C 2 2.64 4.55 -4.20
N LEU C 3 2.63 5.08 -5.41
CA LEU C 3 2.98 6.47 -5.64
C LEU C 3 1.74 7.36 -5.45
N MET C 4 1.98 8.55 -4.90
CA MET C 4 0.94 9.57 -4.71
C MET C 4 1.31 10.80 -5.53
N ILE C 5 0.52 11.10 -6.56
CA ILE C 5 0.77 12.24 -7.41
C ILE C 5 -0.10 13.38 -6.86
N GLN C 6 0.54 14.38 -6.26
CA GLN C 6 -0.14 15.63 -5.97
C GLN C 6 0.04 16.56 -7.14
N THR C 7 -1.08 17.12 -7.60
CA THR C 7 -1.04 18.23 -8.52
C THR C 7 -2.04 19.27 -8.03
N PRO C 8 -1.68 20.56 -8.06
CA PRO C 8 -0.37 21.02 -8.51
C PRO C 8 0.61 20.98 -7.39
N LEU C 9 1.84 21.42 -7.64
CA LEU C 9 2.82 21.50 -6.58
C LEU C 9 2.94 22.90 -5.99
N SER C 10 2.60 23.93 -6.76
CA SER C 10 2.47 25.30 -6.26
C SER C 10 1.05 25.74 -6.53
N LEU C 11 0.43 26.36 -5.55
CA LEU C 11 -0.92 26.89 -5.72
C LEU C 11 -0.93 28.35 -5.32
N PRO C 12 -0.77 29.27 -6.26
CA PRO C 12 -0.96 30.69 -5.95
C PRO C 12 -2.44 31.01 -5.82
N VAL C 13 -2.83 31.61 -4.68
CA VAL C 13 -4.20 32.05 -4.45
C VAL C 13 -4.20 33.50 -3.95
N SER C 14 -5.34 34.17 -4.16
CA SER C 14 -5.60 35.45 -3.53
C SER C 14 -6.46 35.20 -2.29
N LEU C 15 -6.15 35.90 -1.21
CA LEU C 15 -6.86 35.69 0.04
C LEU C 15 -8.36 35.73 -0.21
N GLY C 16 -9.06 34.73 0.26
CA GLY C 16 -10.50 34.68 0.07
C GLY C 16 -10.96 33.92 -1.15
N ASP C 17 -10.05 33.54 -2.06
CA ASP C 17 -10.43 32.65 -3.15
C ASP C 17 -10.52 31.21 -2.65
N GLN C 18 -10.88 30.29 -3.53
CA GLN C 18 -11.04 28.89 -3.19
C GLN C 18 -9.98 28.08 -3.92
N ALA C 19 -9.44 27.07 -3.25
CA ALA C 19 -8.32 26.31 -3.77
C ALA C 19 -8.63 24.83 -3.68
N SER C 20 -8.02 24.04 -4.56
CA SER C 20 -8.28 22.60 -4.49
C SER C 20 -7.09 21.82 -5.01
N ILE C 21 -6.73 20.78 -4.27
CA ILE C 21 -5.55 19.96 -4.51
C ILE C 21 -6.00 18.56 -4.90
N SER C 22 -5.42 18.00 -5.97
CA SER C 22 -5.78 16.67 -6.42
C SER C 22 -4.65 15.71 -6.06
N CYS C 23 -5.00 14.70 -5.27
CA CYS C 23 -4.09 13.61 -4.94
C CYS C 23 -4.59 12.34 -5.60
N ARG C 24 -3.73 11.75 -6.43
CA ARG C 24 -4.10 10.60 -7.24
C ARG C 24 -3.12 9.47 -7.01
N SER C 25 -3.63 8.26 -7.13
CA SER C 25 -3.02 7.08 -6.57
C SER C 25 -2.65 6.05 -7.62
N SER C 26 -1.55 5.33 -7.37
CA SER C 26 -1.10 4.32 -8.31
C SER C 26 -1.84 3.00 -8.14
N GLN C 27 -2.19 2.63 -6.93
CA GLN C 27 -3.01 1.45 -6.69
C GLN C 27 -4.21 1.88 -5.87
N SER C 28 -5.31 1.14 -6.00
CA SER C 28 -6.51 1.50 -5.26
C SER C 28 -6.21 1.52 -3.76
N LEU C 29 -6.91 2.38 -3.04
CA LEU C 29 -6.68 2.59 -1.61
C LEU C 29 -7.79 2.04 -0.75
N ILE C 30 -8.68 1.24 -1.31
CA ILE C 30 -9.76 0.65 -0.55
C ILE C 30 -9.20 -0.61 0.11
N HIS C 31 -8.96 -0.52 1.43
CA HIS C 31 -8.50 -1.65 2.23
C HIS C 31 -9.53 -2.76 2.21
N ILE C 32 -9.06 -4.00 2.42
CA ILE C 32 -10.02 -5.11 2.38
C ILE C 32 -10.93 -5.14 3.60
N ASN C 33 -10.81 -4.20 4.53
CA ASN C 33 -11.82 -4.00 5.56
C ASN C 33 -12.79 -2.86 5.23
N GLY C 34 -12.77 -2.34 4.00
CA GLY C 34 -13.75 -1.40 3.52
C GLY C 34 -13.40 0.08 3.76
N ASN C 35 -12.36 0.36 4.53
CA ASN C 35 -11.94 1.71 4.80
C ASN C 35 -10.91 2.17 3.77
N THR C 36 -11.06 3.40 3.31
CA THR C 36 -10.10 4.05 2.43
C THR C 36 -9.29 5.04 3.27
N TYR C 37 -8.04 4.69 3.58
CA TYR C 37 -7.20 5.47 4.50
C TYR C 37 -6.37 6.55 3.78
N LEU C 38 -7.05 7.57 3.30
CA LEU C 38 -6.41 8.70 2.61
C LEU C 38 -6.58 9.93 3.49
N GLU C 39 -5.47 10.50 3.93
CA GLU C 39 -5.45 11.57 4.91
C GLU C 39 -4.75 12.78 4.30
N TRP C 40 -5.12 13.96 4.77
CA TRP C 40 -4.53 15.21 4.36
C TRP C 40 -3.95 15.93 5.57
N TYR C 41 -2.70 16.37 5.43
CA TYR C 41 -1.92 17.05 6.47
C TYR C 41 -1.47 18.41 5.98
N LEU C 42 -1.24 19.32 6.92
CA LEU C 42 -0.72 20.66 6.63
C LEU C 42 0.47 20.93 7.52
N GLN C 43 1.59 21.30 6.90
CA GLN C 43 2.78 21.72 7.62
C GLN C 43 3.06 23.18 7.35
N LYS C 44 3.33 23.94 8.42
CA LYS C 44 3.77 25.33 8.34
C LYS C 44 5.24 25.43 8.72
N PRO C 45 5.98 26.40 8.18
CA PRO C 45 7.42 26.45 8.44
C PRO C 45 7.71 26.41 9.94
N GLY C 46 8.71 25.61 10.32
CA GLY C 46 9.16 25.54 11.69
C GLY C 46 8.20 24.82 12.61
N GLN C 47 7.12 24.25 12.09
CA GLN C 47 6.13 23.57 12.89
C GLN C 47 6.05 22.10 12.53
N SER C 48 5.41 21.34 13.42
CA SER C 48 4.96 19.99 13.13
C SER C 48 3.87 20.02 12.07
N PRO C 49 3.72 18.93 11.33
CA PRO C 49 2.51 18.78 10.49
C PRO C 49 1.28 18.63 11.37
N LYS C 50 0.15 19.08 10.85
CA LYS C 50 -1.10 19.02 11.58
C LYS C 50 -2.11 18.20 10.79
N LEU C 51 -2.84 17.32 11.49
CA LEU C 51 -3.81 16.46 10.83
C LEU C 51 -5.05 17.23 10.45
N LEU C 52 -5.31 17.32 9.14
CA LEU C 52 -6.49 18.01 8.65
C LEU C 52 -7.67 17.08 8.41
N ILE C 53 -7.50 16.07 7.55
CA ILE C 53 -8.61 15.19 7.16
C ILE C 53 -8.19 13.71 7.16
N TYR C 54 -9.12 12.84 7.53
CA TYR C 54 -8.91 11.39 7.65
C TYR C 54 -10.07 10.62 7.01
N LYS C 55 -9.76 9.37 6.60
CA LYS C 55 -10.69 8.49 5.90
C LYS C 55 -11.41 9.25 4.78
N VAL C 56 -10.66 9.98 4.01
CA VAL C 56 -11.05 10.66 2.76
C VAL C 56 -11.79 11.99 3.00
N SER C 57 -12.81 11.98 3.86
CA SER C 57 -13.75 13.07 3.96
C SER C 57 -14.04 13.53 5.39
N ASN C 58 -13.43 12.94 6.38
CA ASN C 58 -13.73 13.23 7.78
C ASN C 58 -12.71 14.20 8.33
N ARG C 59 -13.18 15.36 8.77
CA ARG C 59 -12.31 16.38 9.36
C ARG C 59 -11.93 16.03 10.79
N PHE C 60 -10.77 16.48 11.18
CA PHE C 60 -10.29 16.24 12.51
C PHE C 60 -10.75 17.37 13.44
N SER C 61 -10.80 17.03 14.73
CA SER C 61 -11.10 17.92 15.84
C SER C 61 -10.35 19.23 15.66
N GLY C 62 -11.10 20.30 15.44
CA GLY C 62 -10.55 21.63 15.40
C GLY C 62 -10.32 22.18 14.01
N VAL C 63 -10.89 21.57 12.98
CA VAL C 63 -10.55 21.98 11.63
C VAL C 63 -11.70 22.82 11.09
N PRO C 64 -11.42 23.96 10.47
CA PRO C 64 -12.53 24.76 9.93
C PRO C 64 -13.32 23.94 8.90
N ASP C 65 -14.63 24.26 8.82
CA ASP C 65 -15.54 23.71 7.79
C ASP C 65 -15.15 24.09 6.36
N ARG C 66 -14.21 25.02 6.20
CA ARG C 66 -13.74 25.41 4.87
C ARG C 66 -12.99 24.26 4.17
N PHE C 67 -12.42 23.36 4.95
CA PHE C 67 -11.61 22.23 4.49
C PHE C 67 -12.54 21.05 4.27
N SER C 68 -12.68 20.59 3.03
CA SER C 68 -13.54 19.45 2.72
C SER C 68 -12.78 18.48 1.84
N GLY C 69 -12.84 17.20 2.17
CA GLY C 69 -12.13 16.15 1.44
C GLY C 69 -13.10 15.25 0.71
N SER C 70 -12.79 14.94 -0.55
CA SER C 70 -13.66 14.12 -1.36
C SER C 70 -12.82 13.15 -2.18
N GLY C 71 -13.49 12.15 -2.73
CA GLY C 71 -12.88 11.23 -3.66
C GLY C 71 -13.11 9.79 -3.26
N SER C 72 -12.70 8.91 -4.17
CA SER C 72 -12.86 7.48 -3.92
C SER C 72 -12.03 6.70 -4.93
N GLY C 73 -11.43 5.62 -4.44
CA GLY C 73 -10.70 4.71 -5.29
C GLY C 73 -9.24 5.10 -5.39
N THR C 74 -8.95 5.90 -6.42
CA THR C 74 -7.63 6.46 -6.63
C THR C 74 -7.61 7.97 -6.83
N ASP C 75 -8.76 8.63 -6.95
CA ASP C 75 -8.82 10.08 -7.15
C ASP C 75 -9.44 10.74 -5.93
N PHE C 76 -8.69 11.67 -5.33
CA PHE C 76 -9.15 12.39 -4.16
C PHE C 76 -8.78 13.85 -4.34
N THR C 77 -9.58 14.72 -3.73
CA THR C 77 -9.41 16.16 -3.84
C THR C 77 -9.64 16.78 -2.47
N LEU C 78 -8.71 17.66 -2.05
CA LEU C 78 -8.88 18.55 -0.89
C LEU C 78 -9.37 19.89 -1.38
N LYS C 79 -10.37 20.43 -0.69
CA LYS C 79 -10.95 21.71 -1.10
C LYS C 79 -10.88 22.70 0.04
N ILE C 80 -10.33 23.89 -0.25
CA ILE C 80 -10.35 25.01 0.67
C ILE C 80 -11.26 26.06 0.09
N SER C 81 -12.21 26.48 0.86
CA SER C 81 -13.40 27.09 0.28
C SER C 81 -13.33 28.57 0.22
N ARG C 82 -12.83 29.25 1.28
CA ARG C 82 -12.16 30.55 1.15
C ARG C 82 -10.78 30.55 1.83
N VAL C 83 -9.76 31.13 1.21
CA VAL C 83 -8.40 31.00 1.76
C VAL C 83 -8.09 32.12 2.78
N GLU C 84 -7.60 31.73 3.96
CA GLU C 84 -7.16 32.64 5.02
C GLU C 84 -5.64 32.70 5.09
N ALA C 85 -5.10 33.73 5.76
CA ALA C 85 -3.64 33.78 5.89
C ALA C 85 -3.12 32.55 6.63
N GLU C 86 -3.85 32.08 7.65
CA GLU C 86 -3.34 30.96 8.42
C GLU C 86 -3.55 29.65 7.73
N ASP C 87 -3.97 29.71 6.48
CA ASP C 87 -4.02 28.52 5.66
C ASP C 87 -2.78 28.23 4.89
N LEU C 88 -2.04 29.28 4.55
CA LEU C 88 -0.92 29.12 3.64
C LEU C 88 0.13 28.21 4.27
N GLY C 89 0.77 27.40 3.44
CA GLY C 89 1.57 26.31 3.98
C GLY C 89 1.70 25.18 2.97
N VAL C 90 2.21 24.03 3.44
CA VAL C 90 2.46 22.90 2.55
C VAL C 90 1.45 21.81 2.88
N TYR C 91 0.75 21.32 1.85
CA TYR C 91 -0.26 20.27 2.01
C TYR C 91 0.23 18.92 1.48
N TYR C 92 0.09 17.90 2.31
CA TYR C 92 0.56 16.55 1.99
C TYR C 92 -0.61 15.57 2.05
N CYS C 93 -0.84 14.84 0.97
CA CYS C 93 -1.75 13.70 1.09
C CYS C 93 -0.95 12.48 1.53
N PHE C 94 -1.67 11.48 2.03
CA PHE C 94 -0.99 10.34 2.63
C PHE C 94 -1.90 9.11 2.59
N GLN C 95 -1.41 8.00 2.06
CA GLN C 95 -2.17 6.76 2.03
C GLN C 95 -1.69 5.85 3.16
N GLY C 96 -2.64 5.26 3.86
CA GLY C 96 -2.31 4.33 4.93
C GLY C 96 -2.90 2.96 4.72
N SER C 97 -3.09 2.55 3.46
CA SER C 97 -3.74 1.27 3.16
C SER C 97 -2.78 0.16 2.78
N HIS C 98 -1.59 0.49 2.27
CA HIS C 98 -0.62 -0.46 1.75
C HIS C 98 0.77 -0.16 2.28
N VAL C 99 1.47 -1.18 2.74
CA VAL C 99 2.80 -0.99 3.29
C VAL C 99 3.85 -1.11 2.18
N PRO C 100 4.82 -0.19 2.11
CA PRO C 100 5.05 0.96 3.00
C PRO C 100 4.10 2.10 2.69
N PHE C 101 3.78 2.89 3.72
CA PHE C 101 2.94 4.08 3.58
C PHE C 101 3.69 5.19 2.88
N THR C 102 2.99 5.94 2.02
CA THR C 102 3.66 6.96 1.23
C THR C 102 2.87 8.27 1.24
N PHE C 103 3.59 9.39 1.11
CA PHE C 103 3.10 10.76 1.03
C PHE C 103 3.15 11.27 -0.41
N GLY C 104 2.52 12.42 -0.65
CA GLY C 104 2.69 13.12 -1.90
C GLY C 104 3.88 14.04 -1.84
N ALA C 105 4.22 14.61 -3.01
CA ALA C 105 5.33 15.55 -3.05
C ALA C 105 5.09 16.73 -2.12
N GLY C 106 3.83 17.14 -1.99
CA GLY C 106 3.41 18.33 -1.28
C GLY C 106 3.02 19.43 -2.25
N THR C 107 1.98 20.17 -1.89
CA THR C 107 1.56 21.34 -2.63
C THR C 107 1.79 22.59 -1.77
N LYS C 108 2.53 23.56 -2.32
CA LYS C 108 2.72 24.84 -1.65
C LYS C 108 1.54 25.73 -1.95
N LEU C 109 0.77 26.04 -0.90
CA LEU C 109 -0.25 27.07 -0.94
C LEU C 109 0.39 28.39 -0.52
N GLU C 110 0.54 29.29 -1.50
CA GLU C 110 1.21 30.57 -1.40
C GLU C 110 0.29 31.71 -1.82
N LEU C 111 0.70 32.94 -1.54
CA LEU C 111 -0.11 34.12 -1.84
C LEU C 111 0.20 34.67 -3.24
N LYS C 112 -0.85 34.98 -3.99
CA LYS C 112 -0.66 35.51 -5.34
C LYS C 112 -0.33 37.00 -5.29
N ARG C 113 0.40 37.47 -6.31
CA ARG C 113 0.70 38.88 -6.43
C ARG C 113 1.19 39.11 -7.84
N ALA C 114 1.25 40.38 -8.22
CA ALA C 114 1.70 40.70 -9.56
C ALA C 114 3.11 40.17 -9.80
N ASP C 115 3.40 39.87 -11.06
CA ASP C 115 4.74 39.45 -11.41
C ASP C 115 5.75 40.57 -11.15
N ALA C 116 7.01 40.17 -10.91
CA ALA C 116 8.05 41.09 -10.44
C ALA C 116 9.42 40.55 -10.81
N ALA C 117 10.09 41.20 -11.75
CA ALA C 117 11.44 40.76 -12.12
C ALA C 117 12.39 40.90 -10.92
N PRO C 118 13.42 40.04 -10.82
CA PRO C 118 14.37 40.17 -9.72
C PRO C 118 15.34 41.34 -9.91
N THR C 119 15.83 41.83 -8.77
CA THR C 119 16.94 42.78 -8.75
C THR C 119 18.22 41.98 -8.62
N VAL C 120 19.06 42.03 -9.65
CA VAL C 120 20.24 41.20 -9.72
C VAL C 120 21.46 42.05 -9.41
N SER C 121 22.24 41.61 -8.41
CA SER C 121 23.48 42.24 -7.97
C SER C 121 24.61 41.22 -7.99
N ILE C 122 25.75 41.57 -8.58
CA ILE C 122 26.91 40.70 -8.66
C ILE C 122 28.02 41.29 -7.81
N PHE C 123 28.83 40.43 -7.22
CA PHE C 123 29.90 40.87 -6.34
C PHE C 123 31.17 40.08 -6.60
N PRO C 124 32.26 40.75 -6.95
CA PRO C 124 33.52 40.05 -7.13
C PRO C 124 34.09 39.58 -5.80
N PRO C 125 35.04 38.65 -5.81
CA PRO C 125 35.69 38.26 -4.57
C PRO C 125 36.31 39.46 -3.90
N SER C 126 36.20 39.51 -2.59
CA SER C 126 36.81 40.54 -1.77
C SER C 126 38.32 40.38 -1.71
N SER C 127 39.00 41.48 -1.40
CA SER C 127 40.45 41.44 -1.33
C SER C 127 40.90 40.52 -0.20
N GLU C 128 40.07 40.43 0.85
CA GLU C 128 40.35 39.59 2.02
C GLU C 128 40.41 38.11 1.65
N GLN C 129 39.36 37.61 1.01
CA GLN C 129 39.31 36.21 0.63
C GLN C 129 40.42 35.86 -0.36
N LEU C 130 40.71 36.78 -1.28
CA LEU C 130 41.81 36.55 -2.22
C LEU C 130 43.13 36.40 -1.47
N THR C 131 43.34 37.25 -0.45
CA THR C 131 44.51 37.10 0.41
C THR C 131 44.55 35.71 1.02
N SER C 132 43.41 35.26 1.55
CA SER C 132 43.37 33.95 2.21
C SER C 132 43.43 32.78 1.26
N GLY C 133 43.33 33.00 -0.05
CA GLY C 133 43.55 31.93 -1.00
C GLY C 133 42.31 31.36 -1.66
N GLY C 134 41.10 31.83 -1.31
CA GLY C 134 39.89 31.46 -2.00
C GLY C 134 39.32 32.60 -2.84
N ALA C 135 38.29 32.28 -3.63
CA ALA C 135 37.66 33.31 -4.48
C ALA C 135 36.20 32.95 -4.76
N SER C 136 35.26 33.66 -4.13
CA SER C 136 33.84 33.43 -4.31
C SER C 136 33.15 34.63 -4.97
N VAL C 137 32.49 34.36 -6.08
CA VAL C 137 31.69 35.35 -6.76
C VAL C 137 30.26 35.18 -6.28
N VAL C 138 29.59 36.27 -5.96
CA VAL C 138 28.26 36.16 -5.34
C VAL C 138 27.25 36.91 -6.19
N CYS C 139 26.09 36.31 -6.35
CA CYS C 139 25.00 36.88 -7.11
C CYS C 139 23.76 36.88 -6.24
N PHE C 140 23.11 38.04 -6.12
CA PHE C 140 21.86 38.19 -5.42
C PHE C 140 20.77 38.45 -6.44
N LEU C 141 19.66 37.75 -6.29
CA LEU C 141 18.49 37.89 -7.17
C LEU C 141 17.33 38.09 -6.21
N ASN C 142 17.00 39.35 -5.94
CA ASN C 142 16.16 39.71 -4.83
C ASN C 142 14.76 40.09 -5.29
N ASN C 143 13.79 39.77 -4.44
CA ASN C 143 12.41 40.28 -4.47
C ASN C 143 11.76 40.07 -5.83
N PHE C 144 11.61 38.81 -6.21
CA PHE C 144 11.01 38.45 -7.47
C PHE C 144 9.76 37.59 -7.22
N TYR C 145 8.90 37.53 -8.26
CA TYR C 145 7.71 36.71 -8.28
C TYR C 145 7.25 36.51 -9.72
N PRO C 146 6.88 35.28 -10.13
CA PRO C 146 6.78 34.07 -9.32
C PRO C 146 8.13 33.43 -8.89
N LYS C 147 8.05 32.33 -8.13
CA LYS C 147 9.22 31.71 -7.50
C LYS C 147 10.15 31.06 -8.51
N ASP C 148 9.59 30.53 -9.58
CA ASP C 148 10.38 29.74 -10.53
C ASP C 148 11.39 30.61 -11.25
N ILE C 149 12.67 30.32 -11.06
CA ILE C 149 13.76 31.09 -11.62
C ILE C 149 14.94 30.13 -11.83
N ASN C 150 15.77 30.42 -12.81
CA ASN C 150 16.97 29.62 -13.05
C ASN C 150 18.18 30.50 -13.30
N VAL C 151 19.28 30.21 -12.62
CA VAL C 151 20.49 31.01 -12.68
C VAL C 151 21.57 30.21 -13.40
N LYS C 152 22.30 30.87 -14.27
CA LYS C 152 23.40 30.28 -15.02
C LYS C 152 24.65 31.14 -14.81
N TRP C 153 25.76 30.50 -14.52
CA TRP C 153 27.01 31.21 -14.36
C TRP C 153 27.84 31.07 -15.63
N LYS C 154 28.51 32.15 -16.02
CA LYS C 154 29.42 32.08 -17.15
C LYS C 154 30.74 32.66 -16.72
N ILE C 155 31.82 32.06 -17.19
CA ILE C 155 33.17 32.60 -17.06
C ILE C 155 33.75 32.74 -18.45
N ASP C 156 34.18 33.96 -18.79
CA ASP C 156 34.68 34.30 -20.12
C ASP C 156 33.78 33.68 -21.18
N GLY C 157 32.47 33.67 -20.91
CA GLY C 157 31.46 33.24 -21.85
C GLY C 157 31.18 31.74 -21.93
N SER C 158 31.84 30.92 -21.12
CA SER C 158 31.53 29.50 -21.06
C SER C 158 30.76 29.21 -19.79
N GLU C 159 29.79 28.34 -19.91
CA GLU C 159 28.97 28.01 -18.78
C GLU C 159 29.75 27.25 -17.72
N ARG C 160 29.49 27.60 -16.48
CA ARG C 160 30.11 26.94 -15.33
C ARG C 160 29.03 26.44 -14.39
N GLN C 161 29.03 25.14 -14.10
CA GLN C 161 28.10 24.52 -13.17
C GLN C 161 28.75 24.00 -11.90
N ASN C 162 30.07 23.90 -11.86
CA ASN C 162 30.79 23.28 -10.76
C ASN C 162 31.23 24.34 -9.76
N GLY C 163 30.87 24.15 -8.51
CA GLY C 163 31.21 25.11 -7.47
C GLY C 163 30.06 26.01 -7.10
N VAL C 164 28.90 25.79 -7.65
CA VAL C 164 27.76 26.68 -7.46
C VAL C 164 26.97 26.22 -6.25
N LEU C 165 26.55 27.16 -5.43
CA LEU C 165 25.89 26.91 -4.16
C LEU C 165 24.72 27.88 -4.08
N ASN C 166 23.51 27.35 -4.19
CA ASN C 166 22.30 28.16 -4.30
C ASN C 166 21.50 28.12 -3.01
N SER C 167 20.84 29.20 -2.71
CA SER C 167 19.98 29.25 -1.55
C SER C 167 18.84 30.21 -1.82
N TRP C 168 17.75 30.04 -1.10
CA TRP C 168 16.62 30.87 -1.39
C TRP C 168 15.76 31.03 -0.14
N THR C 169 15.05 32.13 -0.08
CA THR C 169 14.14 32.42 1.01
C THR C 169 12.73 31.97 0.64
N ASP C 170 11.90 31.82 1.66
CA ASP C 170 10.48 31.59 1.47
C ASP C 170 9.80 32.91 1.11
N GLN C 171 8.49 32.86 0.92
CA GLN C 171 7.72 34.06 0.58
C GLN C 171 7.82 35.15 1.66
N ASP C 172 8.31 36.33 1.28
CA ASP C 172 8.49 37.42 2.25
C ASP C 172 7.13 37.86 2.77
N SER C 173 7.02 37.99 4.08
CA SER C 173 5.73 38.28 4.68
C SER C 173 5.21 39.69 4.37
N LYS C 174 6.01 40.58 3.77
CA LYS C 174 5.56 41.95 3.49
C LYS C 174 5.22 42.17 2.02
N ASP C 175 6.13 41.85 1.08
CA ASP C 175 5.87 42.08 -0.34
C ASP C 175 5.46 40.82 -1.10
N SER C 176 5.38 39.67 -0.44
CA SER C 176 5.04 38.38 -1.05
C SER C 176 5.99 37.97 -2.16
N THR C 177 7.27 38.27 -2.01
CA THR C 177 8.25 37.95 -3.04
C THR C 177 9.17 36.83 -2.55
N TYR C 178 10.03 36.38 -3.45
CA TYR C 178 11.08 35.41 -3.18
C TYR C 178 12.42 36.03 -3.54
N SER C 179 13.45 35.67 -2.80
CA SER C 179 14.80 36.10 -3.14
C SER C 179 15.71 34.87 -3.14
N MET C 180 16.82 35.00 -3.83
CA MET C 180 17.72 33.86 -3.96
C MET C 180 19.15 34.37 -4.04
N SER C 181 20.09 33.48 -3.68
CA SER C 181 21.50 33.77 -3.70
C SER C 181 22.24 32.63 -4.40
N SER C 182 23.25 32.97 -5.19
CA SER C 182 24.02 32.00 -5.92
C SER C 182 25.49 32.33 -5.72
N THR C 183 26.27 31.37 -5.25
CA THR C 183 27.68 31.60 -5.01
C THR C 183 28.49 30.63 -5.85
N LEU C 184 29.43 31.14 -6.64
CA LEU C 184 30.38 30.29 -7.36
C LEU C 184 31.72 30.40 -6.66
N THR C 185 32.27 29.27 -6.22
CA THR C 185 33.55 29.30 -5.52
C THR C 185 34.63 28.66 -6.38
N LEU C 186 35.83 29.24 -6.29
CA LEU C 186 36.97 28.82 -7.08
C LEU C 186 38.21 29.10 -6.25
N THR C 187 39.34 28.60 -6.72
CA THR C 187 40.60 28.93 -6.12
C THR C 187 41.02 30.33 -6.53
N LYS C 188 41.95 30.90 -5.78
CA LYS C 188 42.53 32.16 -6.23
C LYS C 188 43.09 31.99 -7.64
N ASP C 189 43.82 30.90 -7.89
CA ASP C 189 44.55 30.78 -9.15
C ASP C 189 43.61 30.74 -10.35
N GLU C 190 42.56 29.92 -10.29
CA GLU C 190 41.64 29.81 -11.42
C GLU C 190 40.82 31.08 -11.61
N TYR C 191 40.55 31.79 -10.53
CA TYR C 191 39.88 33.07 -10.69
C TYR C 191 40.77 34.08 -11.40
N GLU C 192 42.08 34.10 -11.12
CA GLU C 192 42.91 35.11 -11.77
C GLU C 192 43.31 34.70 -13.18
N ARG C 193 42.96 33.48 -13.61
CA ARG C 193 43.18 33.07 -14.97
C ARG C 193 42.18 33.67 -15.94
N HIS C 194 41.07 34.16 -15.43
CA HIS C 194 39.96 34.63 -16.22
C HIS C 194 39.61 36.08 -15.88
N ASN C 195 38.82 36.70 -16.76
CA ASN C 195 38.63 38.14 -16.75
C ASN C 195 37.17 38.55 -16.58
N SER C 196 36.23 37.80 -17.14
CA SER C 196 34.83 38.20 -17.09
C SER C 196 33.98 37.14 -16.41
N TYR C 197 33.18 37.57 -15.48
CA TYR C 197 32.27 36.71 -14.75
C TYR C 197 30.86 37.26 -14.91
N THR C 198 29.93 36.37 -15.23
CA THR C 198 28.58 36.77 -15.62
C THR C 198 27.57 35.90 -14.90
N CYS C 199 26.44 36.51 -14.52
CA CYS C 199 25.35 35.87 -13.80
C CYS C 199 24.08 36.10 -14.61
N GLU C 200 23.39 35.01 -14.99
CA GLU C 200 22.26 35.08 -15.91
C GLU C 200 21.02 34.58 -15.19
N ALA C 201 19.97 35.38 -15.19
CA ALA C 201 18.72 35.00 -14.54
C ALA C 201 17.64 34.80 -15.59
N THR C 202 16.98 33.64 -15.52
CA THR C 202 15.86 33.30 -16.40
C THR C 202 14.61 33.26 -15.55
N HIS C 203 13.60 34.02 -16.00
CA HIS C 203 12.40 34.29 -15.25
C HIS C 203 11.31 34.63 -16.25
N LYS C 204 10.06 34.42 -15.85
CA LYS C 204 8.96 34.67 -16.77
C LYS C 204 8.73 36.15 -17.07
N THR C 205 9.28 37.06 -16.25
CA THR C 205 9.11 38.48 -16.48
C THR C 205 9.81 38.98 -17.74
N SER C 206 10.87 38.33 -18.20
CA SER C 206 11.55 38.78 -19.41
C SER C 206 11.87 37.58 -20.30
N THR C 207 11.63 37.74 -21.60
CA THR C 207 11.93 36.66 -22.53
C THR C 207 13.44 36.45 -22.67
N SER C 208 14.20 37.47 -22.45
CA SER C 208 15.65 37.40 -22.44
C SER C 208 16.17 37.27 -21.01
N PRO C 209 17.32 36.63 -20.81
CA PRO C 209 17.89 36.60 -19.46
C PRO C 209 18.29 37.99 -18.96
N ILE C 210 18.10 38.18 -17.65
CA ILE C 210 18.63 39.33 -16.90
C ILE C 210 20.10 39.09 -16.57
N VAL C 211 20.99 39.93 -17.10
CA VAL C 211 22.42 39.65 -17.08
C VAL C 211 23.16 40.69 -16.25
N LYS C 212 23.91 40.23 -15.24
CA LYS C 212 24.83 41.09 -14.51
C LYS C 212 26.25 40.56 -14.63
N SER C 213 27.24 41.44 -14.76
CA SER C 213 28.56 41.00 -15.14
C SER C 213 29.61 41.87 -14.45
N PHE C 214 30.83 41.38 -14.39
CA PHE C 214 31.94 42.28 -14.10
C PHE C 214 33.19 41.74 -14.78
N ASN C 215 34.11 42.64 -15.14
CA ASN C 215 35.40 42.26 -15.70
C ASN C 215 36.46 42.59 -14.68
N ARG C 216 37.28 41.60 -14.33
CA ARG C 216 38.36 41.80 -13.39
C ARG C 216 39.40 42.82 -13.86
N ASN C 217 39.35 43.19 -15.15
CA ASN C 217 40.30 44.09 -15.80
C ASN C 217 40.06 45.56 -15.44
N GLU C 218 38.93 45.87 -14.79
CA GLU C 218 38.39 47.22 -14.90
C GLU C 218 38.63 48.03 -13.62
N CYS C 219 39.80 48.72 -13.57
CA CYS C 219 40.04 49.95 -12.77
C CYS C 219 41.22 50.76 -13.36
#